data_3RDY
# 
_entry.id   3RDY 
# 
_audit_conform.dict_name       mmcif_pdbx.dic 
_audit_conform.dict_version    5.397 
_audit_conform.dict_location   http://mmcif.pdb.org/dictionaries/ascii/mmcif_pdbx.dic 
# 
loop_
_database_2.database_id 
_database_2.database_code 
_database_2.pdbx_database_accession 
_database_2.pdbx_DOI 
PDB   3RDY         pdb_00003rdy 10.2210/pdb3rdy/pdb 
RCSB  RCSB064812   ?            ?                   
WWPDB D_1000064812 ?            ?                   
# 
loop_
_pdbx_audit_revision_history.ordinal 
_pdbx_audit_revision_history.data_content_type 
_pdbx_audit_revision_history.major_revision 
_pdbx_audit_revision_history.minor_revision 
_pdbx_audit_revision_history.revision_date 
1 'Structure model' 1 0 2011-07-06 
2 'Structure model' 1 1 2011-07-13 
3 'Structure model' 1 2 2017-10-04 
4 'Structure model' 1 3 2023-11-01 
5 'Structure model' 1 4 2024-10-30 
# 
_pdbx_audit_revision_details.ordinal             1 
_pdbx_audit_revision_details.revision_ordinal    1 
_pdbx_audit_revision_details.data_content_type   'Structure model' 
_pdbx_audit_revision_details.provider            repository 
_pdbx_audit_revision_details.type                'Initial release' 
_pdbx_audit_revision_details.description         ? 
_pdbx_audit_revision_details.details             ? 
# 
loop_
_pdbx_audit_revision_group.ordinal 
_pdbx_audit_revision_group.revision_ordinal 
_pdbx_audit_revision_group.data_content_type 
_pdbx_audit_revision_group.group 
1 2 'Structure model' 'Version format compliance' 
2 3 'Structure model' 'Data collection'           
3 4 'Structure model' 'Data collection'           
4 4 'Structure model' 'Database references'       
5 4 'Structure model' 'Refinement description'    
6 5 'Structure model' 'Structure summary'         
# 
loop_
_pdbx_audit_revision_category.ordinal 
_pdbx_audit_revision_category.revision_ordinal 
_pdbx_audit_revision_category.data_content_type 
_pdbx_audit_revision_category.category 
1 3 'Structure model' diffrn_detector               
2 4 'Structure model' chem_comp_atom                
3 4 'Structure model' chem_comp_bond                
4 4 'Structure model' database_2                    
5 4 'Structure model' pdbx_initial_refinement_model 
6 4 'Structure model' struct_ref_seq_dif            
7 5 'Structure model' pdbx_entry_details            
8 5 'Structure model' pdbx_modification_feature     
# 
loop_
_pdbx_audit_revision_item.ordinal 
_pdbx_audit_revision_item.revision_ordinal 
_pdbx_audit_revision_item.data_content_type 
_pdbx_audit_revision_item.item 
1 3 'Structure model' '_diffrn_detector.detector'           
2 4 'Structure model' '_database_2.pdbx_DOI'                
3 4 'Structure model' '_database_2.pdbx_database_accession' 
4 4 'Structure model' '_struct_ref_seq_dif.details'         
# 
_pdbx_database_status.status_code                     REL 
_pdbx_database_status.entry_id                        3RDY 
_pdbx_database_status.recvd_initial_deposition_date   2011-04-02 
_pdbx_database_status.deposit_site                    RCSB 
_pdbx_database_status.process_site                    PDBJ 
_pdbx_database_status.status_code_sf                  REL 
_pdbx_database_status.status_code_mr                  ? 
_pdbx_database_status.SG_entry                        ? 
_pdbx_database_status.status_code_cs                  ? 
_pdbx_database_status.pdb_format_compatible           Y 
_pdbx_database_status.methods_development_category    ? 
_pdbx_database_status.status_code_nmr_data            ? 
# 
_pdbx_database_related.db_name        PDB 
_pdbx_database_related.db_id          3RDZ 
_pdbx_database_related.details        . 
_pdbx_database_related.content_type   unspecified 
# 
loop_
_audit_author.name 
_audit_author.pdbx_ordinal 
'Wang, L.F.'  1 
'Li, M.'      2 
'Chang, W.R.' 3 
# 
_citation.id                        primary 
_citation.title                     
;Conformational Changes of rBTI from Buckwheat upon Binding to Trypsin: Implications for the Role of the P(8)' Residue in the Potato Inhibitor I Family
;
_citation.journal_abbrev            'Plos One' 
_citation.journal_volume            6 
_citation.page_first                e20950 
_citation.page_last                 e20950 
_citation.year                      2011 
_citation.journal_id_ASTM           ? 
_citation.country                   US 
_citation.journal_id_ISSN           1932-6203 
_citation.journal_id_CSD            ? 
_citation.book_publisher            ? 
_citation.pdbx_database_id_PubMed   21698291 
_citation.pdbx_database_id_DOI      10.1371/journal.pone.0020950 
# 
loop_
_citation_author.citation_id 
_citation_author.name 
_citation_author.ordinal 
_citation_author.identifier_ORCID 
primary 'Wang, L.F.'  1 ? 
primary 'Zhao, F.'    2 ? 
primary 'Li, M.'      3 ? 
primary 'Zhang, H.'   4 ? 
primary 'Gao, Y.'     5 ? 
primary 'Cao, P.'     6 ? 
primary 'Pan, X.'     7 ? 
primary 'Wang, Z.'    8 ? 
primary 'Chang, W.R.' 9 ? 
# 
loop_
_entity.id 
_entity.type 
_entity.src_method 
_entity.pdbx_description 
_entity.formula_weight 
_entity.pdbx_number_of_molecules 
_entity.pdbx_ec 
_entity.pdbx_mutation 
_entity.pdbx_fragment 
_entity.details 
1 polymer man 'BWI-1=PROTEASE inhibitor/trypsin inhibitor' 9019.240 1  ? ? ? ? 
2 water   nat water                                        18.015   92 ? ? ? ? 
# 
_entity_name_com.entity_id   1 
_entity_name_com.name        'Proteinase inhibitor' 
# 
_entity_poly.entity_id                      1 
_entity_poly.type                           'polypeptide(L)' 
_entity_poly.nstd_linkage                   no 
_entity_poly.nstd_monomer                   no 
_entity_poly.pdbx_seq_one_letter_code       MRGSHHHHHHLRQCSGKQEWPELVGERGSKAAKIIENENEDVRAIVLPEGSAVPRDLRCDRVWVFVDERGVVVDTPVVM 
_entity_poly.pdbx_seq_one_letter_code_can   MRGSHHHHHHLRQCSGKQEWPELVGERGSKAAKIIENENEDVRAIVLPEGSAVPRDLRCDRVWVFVDERGVVVDTPVVM 
_entity_poly.pdbx_strand_id                 A 
_entity_poly.pdbx_target_identifier         ? 
# 
_pdbx_entity_nonpoly.entity_id   2 
_pdbx_entity_nonpoly.name        water 
_pdbx_entity_nonpoly.comp_id     HOH 
# 
loop_
_entity_poly_seq.entity_id 
_entity_poly_seq.num 
_entity_poly_seq.mon_id 
_entity_poly_seq.hetero 
1 1  MET n 
1 2  ARG n 
1 3  GLY n 
1 4  SER n 
1 5  HIS n 
1 6  HIS n 
1 7  HIS n 
1 8  HIS n 
1 9  HIS n 
1 10 HIS n 
1 11 LEU n 
1 12 ARG n 
1 13 GLN n 
1 14 CYS n 
1 15 SER n 
1 16 GLY n 
1 17 LYS n 
1 18 GLN n 
1 19 GLU n 
1 20 TRP n 
1 21 PRO n 
1 22 GLU n 
1 23 LEU n 
1 24 VAL n 
1 25 GLY n 
1 26 GLU n 
1 27 ARG n 
1 28 GLY n 
1 29 SER n 
1 30 LYS n 
1 31 ALA n 
1 32 ALA n 
1 33 LYS n 
1 34 ILE n 
1 35 ILE n 
1 36 GLU n 
1 37 ASN n 
1 38 GLU n 
1 39 ASN n 
1 40 GLU n 
1 41 ASP n 
1 42 VAL n 
1 43 ARG n 
1 44 ALA n 
1 45 ILE n 
1 46 VAL n 
1 47 LEU n 
1 48 PRO n 
1 49 GLU n 
1 50 GLY n 
1 51 SER n 
1 52 ALA n 
1 53 VAL n 
1 54 PRO n 
1 55 ARG n 
1 56 ASP n 
1 57 LEU n 
1 58 ARG n 
1 59 CYS n 
1 60 ASP n 
1 61 ARG n 
1 62 VAL n 
1 63 TRP n 
1 64 VAL n 
1 65 PHE n 
1 66 VAL n 
1 67 ASP n 
1 68 GLU n 
1 69 ARG n 
1 70 GLY n 
1 71 VAL n 
1 72 VAL n 
1 73 VAL n 
1 74 ASP n 
1 75 THR n 
1 76 PRO n 
1 77 VAL n 
1 78 VAL n 
1 79 MET n 
# 
_entity_src_gen.entity_id                          1 
_entity_src_gen.pdbx_src_id                        1 
_entity_src_gen.pdbx_alt_source_flag               sample 
_entity_src_gen.pdbx_seq_type                      ? 
_entity_src_gen.pdbx_beg_seq_num                   ? 
_entity_src_gen.pdbx_end_seq_num                   ? 
_entity_src_gen.gene_src_common_name               buckwheat 
_entity_src_gen.gene_src_genus                     ? 
_entity_src_gen.pdbx_gene_src_gene                 'BWI-1, Edn1' 
_entity_src_gen.gene_src_species                   ? 
_entity_src_gen.gene_src_strain                    ? 
_entity_src_gen.gene_src_tissue                    ? 
_entity_src_gen.gene_src_tissue_fraction           ? 
_entity_src_gen.gene_src_details                   ? 
_entity_src_gen.pdbx_gene_src_fragment             ? 
_entity_src_gen.pdbx_gene_src_scientific_name      'Fagopyrum esculentum' 
_entity_src_gen.pdbx_gene_src_ncbi_taxonomy_id     3617 
_entity_src_gen.pdbx_gene_src_variant              ? 
_entity_src_gen.pdbx_gene_src_cell_line            ? 
_entity_src_gen.pdbx_gene_src_atcc                 ? 
_entity_src_gen.pdbx_gene_src_organ                ? 
_entity_src_gen.pdbx_gene_src_organelle            ? 
_entity_src_gen.pdbx_gene_src_cell                 ? 
_entity_src_gen.pdbx_gene_src_cellular_location    ? 
_entity_src_gen.host_org_common_name               ? 
_entity_src_gen.pdbx_host_org_scientific_name      'Escherichia coli' 
_entity_src_gen.pdbx_host_org_ncbi_taxonomy_id     562 
_entity_src_gen.host_org_genus                     ? 
_entity_src_gen.pdbx_host_org_gene                 ? 
_entity_src_gen.pdbx_host_org_organ                ? 
_entity_src_gen.host_org_species                   ? 
_entity_src_gen.pdbx_host_org_tissue               ? 
_entity_src_gen.pdbx_host_org_tissue_fraction      ? 
_entity_src_gen.pdbx_host_org_strain               M15 
_entity_src_gen.pdbx_host_org_variant              ? 
_entity_src_gen.pdbx_host_org_cell_line            ? 
_entity_src_gen.pdbx_host_org_atcc                 ? 
_entity_src_gen.pdbx_host_org_culture_collection   ? 
_entity_src_gen.pdbx_host_org_cell                 ? 
_entity_src_gen.pdbx_host_org_organelle            ? 
_entity_src_gen.pdbx_host_org_cellular_location    ? 
_entity_src_gen.pdbx_host_org_vector_type          Plasmid 
_entity_src_gen.pdbx_host_org_vector               ? 
_entity_src_gen.host_org_details                   ? 
_entity_src_gen.expression_system_id               ? 
_entity_src_gen.plasmid_name                       'QIA express pQE-31' 
_entity_src_gen.plasmid_details                    ? 
_entity_src_gen.pdbx_description                   ? 
# 
loop_
_chem_comp.id 
_chem_comp.type 
_chem_comp.mon_nstd_flag 
_chem_comp.name 
_chem_comp.pdbx_synonyms 
_chem_comp.formula 
_chem_comp.formula_weight 
ALA 'L-peptide linking' y ALANINE         ? 'C3 H7 N O2'     89.093  
ARG 'L-peptide linking' y ARGININE        ? 'C6 H15 N4 O2 1' 175.209 
ASN 'L-peptide linking' y ASPARAGINE      ? 'C4 H8 N2 O3'    132.118 
ASP 'L-peptide linking' y 'ASPARTIC ACID' ? 'C4 H7 N O4'     133.103 
CYS 'L-peptide linking' y CYSTEINE        ? 'C3 H7 N O2 S'   121.158 
GLN 'L-peptide linking' y GLUTAMINE       ? 'C5 H10 N2 O3'   146.144 
GLU 'L-peptide linking' y 'GLUTAMIC ACID' ? 'C5 H9 N O4'     147.129 
GLY 'peptide linking'   y GLYCINE         ? 'C2 H5 N O2'     75.067  
HIS 'L-peptide linking' y HISTIDINE       ? 'C6 H10 N3 O2 1' 156.162 
HOH non-polymer         . WATER           ? 'H2 O'           18.015  
ILE 'L-peptide linking' y ISOLEUCINE      ? 'C6 H13 N O2'    131.173 
LEU 'L-peptide linking' y LEUCINE         ? 'C6 H13 N O2'    131.173 
LYS 'L-peptide linking' y LYSINE          ? 'C6 H15 N2 O2 1' 147.195 
MET 'L-peptide linking' y METHIONINE      ? 'C5 H11 N O2 S'  149.211 
PHE 'L-peptide linking' y PHENYLALANINE   ? 'C9 H11 N O2'    165.189 
PRO 'L-peptide linking' y PROLINE         ? 'C5 H9 N O2'     115.130 
SER 'L-peptide linking' y SERINE          ? 'C3 H7 N O3'     105.093 
THR 'L-peptide linking' y THREONINE       ? 'C4 H9 N O3'     119.119 
TRP 'L-peptide linking' y TRYPTOPHAN      ? 'C11 H12 N2 O2'  204.225 
VAL 'L-peptide linking' y VALINE          ? 'C5 H11 N O2'    117.146 
# 
loop_
_pdbx_poly_seq_scheme.asym_id 
_pdbx_poly_seq_scheme.entity_id 
_pdbx_poly_seq_scheme.seq_id 
_pdbx_poly_seq_scheme.mon_id 
_pdbx_poly_seq_scheme.ndb_seq_num 
_pdbx_poly_seq_scheme.pdb_seq_num 
_pdbx_poly_seq_scheme.auth_seq_num 
_pdbx_poly_seq_scheme.pdb_mon_id 
_pdbx_poly_seq_scheme.auth_mon_id 
_pdbx_poly_seq_scheme.pdb_strand_id 
_pdbx_poly_seq_scheme.pdb_ins_code 
_pdbx_poly_seq_scheme.hetero 
A 1 1  MET 1  -9 ?  ?   ?   A . n 
A 1 2  ARG 2  -8 ?  ?   ?   A . n 
A 1 3  GLY 3  -7 ?  ?   ?   A . n 
A 1 4  SER 4  -6 ?  ?   ?   A . n 
A 1 5  HIS 5  -5 ?  ?   ?   A . n 
A 1 6  HIS 6  -4 ?  ?   ?   A . n 
A 1 7  HIS 7  -3 ?  ?   ?   A . n 
A 1 8  HIS 8  -2 ?  ?   ?   A . n 
A 1 9  HIS 9  -1 ?  ?   ?   A . n 
A 1 10 HIS 10 0  ?  ?   ?   A . n 
A 1 11 LEU 11 1  ?  ?   ?   A . n 
A 1 12 ARG 12 2  ?  ?   ?   A . n 
A 1 13 GLN 13 3  3  GLN GLN A . n 
A 1 14 CYS 14 4  4  CYS CYS A . n 
A 1 15 SER 15 5  5  SER SER A . n 
A 1 16 GLY 16 6  6  GLY GLY A . n 
A 1 17 LYS 17 7  7  LYS LYS A . n 
A 1 18 GLN 18 8  8  GLN GLN A . n 
A 1 19 GLU 19 9  9  GLU GLU A . n 
A 1 20 TRP 20 10 10 TRP TRP A . n 
A 1 21 PRO 21 11 11 PRO PRO A . n 
A 1 22 GLU 22 12 12 GLU GLU A . n 
A 1 23 LEU 23 13 13 LEU LEU A . n 
A 1 24 VAL 24 14 14 VAL VAL A . n 
A 1 25 GLY 25 15 15 GLY GLY A . n 
A 1 26 GLU 26 16 16 GLU GLU A . n 
A 1 27 ARG 27 17 17 ARG ARG A . n 
A 1 28 GLY 28 18 18 GLY GLY A . n 
A 1 29 SER 29 19 19 SER SER A . n 
A 1 30 LYS 30 20 20 LYS LYS A . n 
A 1 31 ALA 31 21 21 ALA ALA A . n 
A 1 32 ALA 32 22 22 ALA ALA A . n 
A 1 33 LYS 33 23 23 LYS LYS A . n 
A 1 34 ILE 34 24 24 ILE ILE A . n 
A 1 35 ILE 35 25 25 ILE ILE A . n 
A 1 36 GLU 36 26 26 GLU GLU A . n 
A 1 37 ASN 37 27 27 ASN ASN A . n 
A 1 38 GLU 38 28 28 GLU GLU A . n 
A 1 39 ASN 39 29 29 ASN ASN A . n 
A 1 40 GLU 40 30 30 GLU GLU A . n 
A 1 41 ASP 41 31 31 ASP ASP A . n 
A 1 42 VAL 42 32 32 VAL VAL A . n 
A 1 43 ARG 43 33 33 ARG ARG A . n 
A 1 44 ALA 44 34 34 ALA ALA A . n 
A 1 45 ILE 45 35 35 ILE ILE A . n 
A 1 46 VAL 46 36 36 VAL VAL A . n 
A 1 47 LEU 47 37 37 LEU LEU A . n 
A 1 48 PRO 48 38 38 PRO PRO A . n 
A 1 49 GLU 49 39 39 GLU GLU A . n 
A 1 50 GLY 50 40 40 GLY GLY A . n 
A 1 51 SER 51 41 41 SER SER A . n 
A 1 52 ALA 52 42 42 ALA ALA A . n 
A 1 53 VAL 53 43 43 VAL VAL A . n 
A 1 54 PRO 54 44 44 PRO PRO A . n 
A 1 55 ARG 55 45 45 ARG ARG A . n 
A 1 56 ASP 56 46 46 ASP ASP A . n 
A 1 57 LEU 57 47 47 LEU LEU A . n 
A 1 58 ARG 58 48 48 ARG ARG A . n 
A 1 59 CYS 59 49 49 CYS CYS A . n 
A 1 60 ASP 60 50 50 ASP ASP A . n 
A 1 61 ARG 61 51 51 ARG ARG A . n 
A 1 62 VAL 62 52 52 VAL VAL A . n 
A 1 63 TRP 63 53 53 TRP TRP A . n 
A 1 64 VAL 64 54 54 VAL VAL A . n 
A 1 65 PHE 65 55 55 PHE PHE A . n 
A 1 66 VAL 66 56 56 VAL VAL A . n 
A 1 67 ASP 67 57 57 ASP ASP A . n 
A 1 68 GLU 68 58 58 GLU GLU A . n 
A 1 69 ARG 69 59 59 ARG ARG A . n 
A 1 70 GLY 70 60 60 GLY GLY A . n 
A 1 71 VAL 71 61 61 VAL VAL A . n 
A 1 72 VAL 72 62 62 VAL VAL A . n 
A 1 73 VAL 73 63 63 VAL VAL A . n 
A 1 74 ASP 74 64 64 ASP ASP A . n 
A 1 75 THR 75 65 65 THR THR A . n 
A 1 76 PRO 76 66 66 PRO PRO A . n 
A 1 77 VAL 77 67 67 VAL VAL A . n 
A 1 78 VAL 78 68 68 VAL VAL A . n 
A 1 79 MET 79 69 69 MET MET A . n 
# 
loop_
_pdbx_nonpoly_scheme.asym_id 
_pdbx_nonpoly_scheme.entity_id 
_pdbx_nonpoly_scheme.mon_id 
_pdbx_nonpoly_scheme.ndb_seq_num 
_pdbx_nonpoly_scheme.pdb_seq_num 
_pdbx_nonpoly_scheme.auth_seq_num 
_pdbx_nonpoly_scheme.pdb_mon_id 
_pdbx_nonpoly_scheme.auth_mon_id 
_pdbx_nonpoly_scheme.pdb_strand_id 
_pdbx_nonpoly_scheme.pdb_ins_code 
B 2 HOH 1  70  70  HOH HOH A . 
B 2 HOH 2  71  1   HOH HOH A . 
B 2 HOH 3  72  72  HOH HOH A . 
B 2 HOH 4  73  73  HOH HOH A . 
B 2 HOH 5  74  74  HOH HOH A . 
B 2 HOH 6  75  2   HOH HOH A . 
B 2 HOH 7  76  76  HOH HOH A . 
B 2 HOH 8  77  77  HOH HOH A . 
B 2 HOH 9  78  3   HOH HOH A . 
B 2 HOH 10 79  79  HOH HOH A . 
B 2 HOH 11 80  4   HOH HOH A . 
B 2 HOH 12 81  81  HOH HOH A . 
B 2 HOH 13 82  82  HOH HOH A . 
B 2 HOH 14 83  5   HOH HOH A . 
B 2 HOH 15 84  84  HOH HOH A . 
B 2 HOH 16 85  85  HOH HOH A . 
B 2 HOH 17 86  86  HOH HOH A . 
B 2 HOH 18 87  87  HOH HOH A . 
B 2 HOH 19 88  6   HOH HOH A . 
B 2 HOH 20 89  7   HOH HOH A . 
B 2 HOH 21 90  8   HOH HOH A . 
B 2 HOH 22 91  91  HOH HOH A . 
B 2 HOH 23 92  9   HOH HOH A . 
B 2 HOH 24 93  10  HOH HOH A . 
B 2 HOH 25 94  94  HOH HOH A . 
B 2 HOH 26 95  95  HOH HOH A . 
B 2 HOH 27 96  96  HOH HOH A . 
B 2 HOH 28 97  97  HOH HOH A . 
B 2 HOH 29 98  98  HOH HOH A . 
B 2 HOH 30 99  11  HOH HOH A . 
B 2 HOH 31 100 12  HOH HOH A . 
B 2 HOH 32 101 101 HOH HOH A . 
B 2 HOH 33 102 13  HOH HOH A . 
B 2 HOH 34 103 14  HOH HOH A . 
B 2 HOH 35 104 15  HOH HOH A . 
B 2 HOH 36 105 105 HOH HOH A . 
B 2 HOH 37 106 16  HOH HOH A . 
B 2 HOH 38 107 17  HOH HOH A . 
B 2 HOH 39 108 18  HOH HOH A . 
B 2 HOH 40 109 19  HOH HOH A . 
B 2 HOH 41 110 20  HOH HOH A . 
B 2 HOH 42 111 21  HOH HOH A . 
B 2 HOH 43 112 112 HOH HOH A . 
B 2 HOH 44 113 113 HOH HOH A . 
B 2 HOH 45 114 114 HOH HOH A . 
B 2 HOH 46 115 115 HOH HOH A . 
B 2 HOH 47 116 116 HOH HOH A . 
B 2 HOH 48 117 117 HOH HOH A . 
B 2 HOH 49 118 118 HOH HOH A . 
B 2 HOH 50 119 22  HOH HOH A . 
B 2 HOH 51 120 23  HOH HOH A . 
B 2 HOH 52 121 24  HOH HOH A . 
B 2 HOH 53 122 25  HOH HOH A . 
B 2 HOH 54 123 26  HOH HOH A . 
B 2 HOH 55 124 27  HOH HOH A . 
B 2 HOH 56 125 28  HOH HOH A . 
B 2 HOH 57 126 29  HOH HOH A . 
B 2 HOH 58 127 30  HOH HOH A . 
B 2 HOH 59 128 31  HOH HOH A . 
B 2 HOH 60 129 32  HOH HOH A . 
B 2 HOH 61 130 33  HOH HOH A . 
B 2 HOH 62 131 34  HOH HOH A . 
B 2 HOH 63 132 35  HOH HOH A . 
B 2 HOH 64 133 37  HOH HOH A . 
B 2 HOH 65 134 38  HOH HOH A . 
B 2 HOH 66 135 39  HOH HOH A . 
B 2 HOH 67 136 40  HOH HOH A . 
B 2 HOH 68 137 41  HOH HOH A . 
B 2 HOH 69 138 42  HOH HOH A . 
B 2 HOH 70 139 43  HOH HOH A . 
B 2 HOH 71 140 44  HOH HOH A . 
B 2 HOH 72 141 45  HOH HOH A . 
B 2 HOH 73 142 46  HOH HOH A . 
B 2 HOH 74 143 48  HOH HOH A . 
B 2 HOH 75 144 49  HOH HOH A . 
B 2 HOH 76 145 50  HOH HOH A . 
B 2 HOH 77 146 51  HOH HOH A . 
B 2 HOH 78 147 53  HOH HOH A . 
B 2 HOH 79 148 54  HOH HOH A . 
B 2 HOH 80 149 55  HOH HOH A . 
B 2 HOH 81 150 56  HOH HOH A . 
B 2 HOH 82 151 57  HOH HOH A . 
B 2 HOH 83 152 58  HOH HOH A . 
B 2 HOH 84 153 59  HOH HOH A . 
B 2 HOH 85 154 60  HOH HOH A . 
B 2 HOH 86 155 62  HOH HOH A . 
B 2 HOH 87 156 63  HOH HOH A . 
B 2 HOH 88 157 64  HOH HOH A . 
B 2 HOH 89 158 65  HOH HOH A . 
B 2 HOH 90 159 66  HOH HOH A . 
B 2 HOH 91 160 67  HOH HOH A . 
B 2 HOH 92 161 69  HOH HOH A . 
# 
loop_
_pdbx_unobs_or_zero_occ_atoms.id 
_pdbx_unobs_or_zero_occ_atoms.PDB_model_num 
_pdbx_unobs_or_zero_occ_atoms.polymer_flag 
_pdbx_unobs_or_zero_occ_atoms.occupancy_flag 
_pdbx_unobs_or_zero_occ_atoms.auth_asym_id 
_pdbx_unobs_or_zero_occ_atoms.auth_comp_id 
_pdbx_unobs_or_zero_occ_atoms.auth_seq_id 
_pdbx_unobs_or_zero_occ_atoms.PDB_ins_code 
_pdbx_unobs_or_zero_occ_atoms.auth_atom_id 
_pdbx_unobs_or_zero_occ_atoms.label_alt_id 
_pdbx_unobs_or_zero_occ_atoms.label_asym_id 
_pdbx_unobs_or_zero_occ_atoms.label_comp_id 
_pdbx_unobs_or_zero_occ_atoms.label_seq_id 
_pdbx_unobs_or_zero_occ_atoms.label_atom_id 
1  1 Y 1 A GLN 3  ? CG  ? A GLN 13 CG  
2  1 Y 1 A GLN 3  ? CD  ? A GLN 13 CD  
3  1 Y 1 A GLN 3  ? OE1 ? A GLN 13 OE1 
4  1 Y 1 A GLN 3  ? NE2 ? A GLN 13 NE2 
5  1 Y 1 A GLU 16 ? CD  ? A GLU 26 CD  
6  1 Y 1 A GLU 16 ? OE1 ? A GLU 26 OE1 
7  1 Y 1 A GLU 16 ? OE2 ? A GLU 26 OE2 
8  1 Y 1 A ARG 17 ? CD  ? A ARG 27 CD  
9  1 Y 1 A ARG 17 ? NE  ? A ARG 27 NE  
10 1 Y 1 A ARG 17 ? CZ  ? A ARG 27 CZ  
11 1 Y 1 A ARG 17 ? NH1 ? A ARG 27 NH1 
12 1 Y 1 A ARG 17 ? NH2 ? A ARG 27 NH2 
13 1 Y 1 A LYS 23 ? CG  ? A LYS 33 CG  
14 1 Y 1 A LYS 23 ? CD  ? A LYS 33 CD  
15 1 Y 1 A LYS 23 ? CE  ? A LYS 33 CE  
16 1 Y 1 A LYS 23 ? NZ  ? A LYS 33 NZ  
17 1 Y 1 A GLU 30 ? CD  ? A GLU 40 CD  
18 1 Y 1 A GLU 30 ? OE1 ? A GLU 40 OE1 
19 1 Y 1 A GLU 30 ? OE2 ? A GLU 40 OE2 
20 1 Y 1 A ARG 45 ? NE  ? A ARG 55 NE  
21 1 Y 1 A ARG 45 ? CZ  ? A ARG 55 CZ  
22 1 Y 1 A ARG 45 ? NH1 ? A ARG 55 NH1 
23 1 Y 1 A ARG 45 ? NH2 ? A ARG 55 NH2 
24 1 Y 1 A GLU 58 ? CD  ? A GLU 68 CD  
25 1 Y 1 A GLU 58 ? OE1 ? A GLU 68 OE1 
26 1 Y 1 A GLU 58 ? OE2 ? A GLU 68 OE2 
27 1 Y 1 A ARG 59 ? NE  ? A ARG 69 NE  
28 1 Y 1 A ARG 59 ? CZ  ? A ARG 69 CZ  
29 1 Y 1 A ARG 59 ? NH1 ? A ARG 69 NH1 
30 1 Y 1 A ARG 59 ? NH2 ? A ARG 69 NH2 
# 
loop_
_software.name 
_software.classification 
_software.version 
_software.citation_id 
_software.pdbx_ordinal 
_software.date 
_software.type 
_software.location 
_software.language 
HKL-2000 'data collection' .                 ? 1 ? ? ? ? 
PHASER   phasing           .                 ? 2 ? ? ? ? 
PHENIX   refinement        '(phenix.refine)' ? 3 ? ? ? ? 
HKL-2000 'data reduction'  .                 ? 4 ? ? ? ? 
HKL-2000 'data scaling'    .                 ? 5 ? ? ? ? 
# 
_cell.entry_id           3RDY 
_cell.length_a           62.654 
_cell.length_b           62.654 
_cell.length_c           45.906 
_cell.angle_alpha        90.00 
_cell.angle_beta         90.00 
_cell.angle_gamma        90.00 
_cell.Z_PDB              8 
_cell.pdbx_unique_axis   ? 
_cell.length_a_esd       ? 
_cell.length_b_esd       ? 
_cell.length_c_esd       ? 
_cell.angle_alpha_esd    ? 
_cell.angle_beta_esd     ? 
_cell.angle_gamma_esd    ? 
# 
_symmetry.entry_id                         3RDY 
_symmetry.space_group_name_H-M             'P 43 21 2' 
_symmetry.pdbx_full_space_group_name_H-M   ? 
_symmetry.cell_setting                     ? 
_symmetry.Int_Tables_number                96 
_symmetry.space_group_name_Hall            ? 
# 
_exptl.entry_id          3RDY 
_exptl.method            'X-RAY DIFFRACTION' 
_exptl.crystals_number   1 
# 
_exptl_crystal.id                    1 
_exptl_crystal.density_meas          ? 
_exptl_crystal.density_Matthews      2.50 
_exptl_crystal.density_percent_sol   50.75 
_exptl_crystal.description           ? 
_exptl_crystal.F_000                 ? 
_exptl_crystal.preparation           ? 
# 
_exptl_crystal_grow.crystal_id      1 
_exptl_crystal_grow.method          'VAPOR DIFFUSION, HANGING DROP' 
_exptl_crystal_grow.temp            291 
_exptl_crystal_grow.temp_details    ? 
_exptl_crystal_grow.pH              4.4 
_exptl_crystal_grow.pdbx_details    
;24% (w/v) PEG MME 2000, 220mM ammonium sulfate, 100mM sodium acetate (pH 4.4), 100mM sodium iodide, VAPOR DIFFUSION, HANGING DROP, temperature 291K
;
_exptl_crystal_grow.pdbx_pH_range   . 
# 
_diffrn.id                     1 
_diffrn.ambient_temp           100 
_diffrn.ambient_temp_details   ? 
_diffrn.crystal_id             1 
# 
_diffrn_detector.diffrn_id              1 
_diffrn_detector.detector               'IMAGE PLATE' 
_diffrn_detector.type                   'MAR555 FLAT PANEL' 
_diffrn_detector.pdbx_collection_date   2009-12-03 
_diffrn_detector.details                ? 
# 
_diffrn_radiation.diffrn_id                        1 
_diffrn_radiation.wavelength_id                    1 
_diffrn_radiation.pdbx_monochromatic_or_laue_m_l   M 
_diffrn_radiation.monochromator                    'Si(111) double flat-crystal monochromator' 
_diffrn_radiation.pdbx_diffrn_protocol             'SINGLE WAVELENGTH' 
_diffrn_radiation.pdbx_scattering_type             x-ray 
# 
_diffrn_radiation_wavelength.id           1 
_diffrn_radiation_wavelength.wavelength   1.0 
_diffrn_radiation_wavelength.wt           1.0 
# 
_diffrn_source.diffrn_id                   1 
_diffrn_source.source                      SYNCHROTRON 
_diffrn_source.type                        'BSRF BEAMLINE 1W2B' 
_diffrn_source.pdbx_synchrotron_site       BSRF 
_diffrn_source.pdbx_synchrotron_beamline   1W2B 
_diffrn_source.pdbx_wavelength             ? 
_diffrn_source.pdbx_wavelength_list        1.0 
# 
_reflns.entry_id                     3RDY 
_reflns.observed_criterion_sigma_I   2 
_reflns.observed_criterion_sigma_F   2 
_reflns.d_resolution_low             15.0 
_reflns.d_resolution_high            1.84 
_reflns.number_obs                   8344 
_reflns.number_all                   8360 
_reflns.percent_possible_obs         99.8 
_reflns.pdbx_Rmerge_I_obs            0.08 
_reflns.pdbx_Rsym_value              ? 
_reflns.pdbx_netI_over_sigmaI        46.4 
_reflns.B_iso_Wilson_estimate        24.4 
_reflns.pdbx_redundancy              24.1 
_reflns.R_free_details               ? 
_reflns.limit_h_max                  ? 
_reflns.limit_h_min                  ? 
_reflns.limit_k_max                  ? 
_reflns.limit_k_min                  ? 
_reflns.limit_l_max                  ? 
_reflns.limit_l_min                  ? 
_reflns.observed_criterion_F_max     ? 
_reflns.observed_criterion_F_min     ? 
_reflns.pdbx_chi_squared             ? 
_reflns.pdbx_scaling_rejects         ? 
_reflns.pdbx_ordinal                 1 
_reflns.pdbx_diffrn_id               1 
# 
_reflns_shell.d_res_high                  1.84 
_reflns_shell.d_res_low                   1.91 
_reflns_shell.percent_possible_all        100 
_reflns_shell.Rmerge_I_obs                0.50 
_reflns_shell.pdbx_Rsym_value             ? 
_reflns_shell.meanI_over_sigI_obs         4.7 
_reflns_shell.pdbx_redundancy             23.2 
_reflns_shell.percent_possible_obs        ? 
_reflns_shell.number_unique_all           ? 
_reflns_shell.number_measured_all         ? 
_reflns_shell.number_measured_obs         ? 
_reflns_shell.number_unique_obs           ? 
_reflns_shell.pdbx_chi_squared            ? 
_reflns_shell.pdbx_rejects                ? 
_reflns_shell.pdbx_netI_over_sigmaI_obs   ? 
_reflns_shell.number_possible             ? 
_reflns_shell.Rmerge_F_all                ? 
_reflns_shell.Rmerge_F_obs                ? 
_reflns_shell.Rmerge_I_all                ? 
_reflns_shell.meanI_over_sigI_all         ? 
_reflns_shell.pdbx_Rrim_I_all             ? 
_reflns_shell.pdbx_Rpim_I_all             ? 
_reflns_shell.pdbx_ordinal                1 
_reflns_shell.pdbx_diffrn_id              1 
# 
_refine.entry_id                                 3RDY 
_refine.ls_number_reflns_obs                     8344 
_refine.ls_number_reflns_all                     8360 
_refine.pdbx_ls_sigma_I                          ? 
_refine.pdbx_ls_sigma_F                          2 
_refine.pdbx_data_cutoff_high_absF               ? 
_refine.pdbx_data_cutoff_low_absF                ? 
_refine.pdbx_data_cutoff_high_rms_absF           ? 
_refine.ls_d_res_low                             14.464 
_refine.ls_d_res_high                            1.84 
_refine.ls_percent_reflns_obs                    55.08 
_refine.ls_R_factor_obs                          0.1916 
_refine.ls_R_factor_all                          0.1935 
_refine.ls_R_factor_R_work                       0.1905 
_refine.ls_R_factor_R_free                       0.2156 
_refine.ls_R_factor_R_free_error                 ? 
_refine.ls_R_factor_R_free_error_details         ? 
_refine.ls_percent_reflns_R_free                 4.76 
_refine.ls_number_reflns_R_free                  397 
_refine.ls_number_parameters                     ? 
_refine.ls_number_restraints                     ? 
_refine.occupancy_min                            ? 
_refine.occupancy_max                            ? 
_refine.correlation_coeff_Fo_to_Fc               ? 
_refine.correlation_coeff_Fo_to_Fc_free          ? 
_refine.B_iso_mean                               28.8 
_refine.aniso_B[1][1]                            -5.8042 
_refine.aniso_B[2][2]                            -5.8042 
_refine.aniso_B[3][3]                            -4.3760 
_refine.aniso_B[1][2]                            -0.0000 
_refine.aniso_B[1][3]                            -0.0000 
_refine.aniso_B[2][3]                            -0.0000 
_refine.solvent_model_details                    'FLAT BULK SOLVENT MODEL' 
_refine.solvent_model_param_ksol                 0.393 
_refine.solvent_model_param_bsol                 64.987 
_refine.pdbx_solvent_vdw_probe_radii             1.11 
_refine.pdbx_solvent_ion_probe_radii             ? 
_refine.pdbx_solvent_shrinkage_radii             0.90 
_refine.pdbx_ls_cross_valid_method               THROUGHOUT 
_refine.details                                  ? 
_refine.pdbx_starting_model                      'PDB ENTRY 3RDZ' 
_refine.pdbx_method_to_determine_struct          'MOLECULAR REPLACEMENT' 
_refine.pdbx_isotropic_thermal_model             isotropic 
_refine.pdbx_stereochemistry_target_values       ML 
_refine.pdbx_stereochem_target_val_spec_case     ? 
_refine.pdbx_R_Free_selection_details            random 
_refine.pdbx_overall_ESU_R_Free                  ? 
_refine.overall_SU_ML                            0.16 
_refine.overall_SU_B                             ? 
_refine.overall_SU_R_Cruickshank_DPI             ? 
_refine.ls_redundancy_reflns_obs                 ? 
_refine.B_iso_min                                ? 
_refine.B_iso_max                                ? 
_refine.overall_SU_R_free                        ? 
_refine.ls_wR_factor_R_free                      ? 
_refine.ls_wR_factor_R_work                      ? 
_refine.overall_FOM_work_R_set                   0.8560 
_refine.pdbx_overall_phase_error                 20.0100 
_refine.pdbx_refine_id                           'X-RAY DIFFRACTION' 
_refine.overall_FOM_free_R_set                   ? 
_refine.pdbx_overall_ESU_R                       ? 
_refine.pdbx_diffrn_id                           1 
_refine.pdbx_TLS_residual_ADP_flag               ? 
_refine.pdbx_overall_SU_R_free_Cruickshank_DPI   ? 
_refine.pdbx_overall_SU_R_Blow_DPI               ? 
_refine.pdbx_overall_SU_R_free_Blow_DPI          ? 
# 
_refine_hist.pdbx_refine_id                   'X-RAY DIFFRACTION' 
_refine_hist.cycle_id                         LAST 
_refine_hist.pdbx_number_atoms_protein        494 
_refine_hist.pdbx_number_atoms_nucleic_acid   0 
_refine_hist.pdbx_number_atoms_ligand         0 
_refine_hist.number_atoms_solvent             92 
_refine_hist.number_atoms_total               586 
_refine_hist.d_res_high                       1.84 
_refine_hist.d_res_low                        14.464 
# 
loop_
_refine_ls_restr.type 
_refine_ls_restr.dev_ideal 
_refine_ls_restr.dev_ideal_target 
_refine_ls_restr.weight 
_refine_ls_restr.number 
_refine_ls_restr.pdbx_restraint_function 
_refine_ls_restr.pdbx_refine_id 
f_bond_d           0.012  ? ? 503 ? 'X-RAY DIFFRACTION' 
f_angle_d          1.390  ? ? 685 ? 'X-RAY DIFFRACTION' 
f_dihedral_angle_d 14.765 ? ? 181 ? 'X-RAY DIFFRACTION' 
f_chiral_restr     0.099  ? ? 81  ? 'X-RAY DIFFRACTION' 
f_plane_restr      0.006  ? ? 90  ? 'X-RAY DIFFRACTION' 
# 
loop_
_refine_ls_shell.pdbx_refine_id 
_refine_ls_shell.pdbx_total_number_of_bins_used 
_refine_ls_shell.d_res_high 
_refine_ls_shell.d_res_low 
_refine_ls_shell.number_reflns_R_work 
_refine_ls_shell.R_factor_R_work 
_refine_ls_shell.percent_reflns_obs 
_refine_ls_shell.R_factor_R_free 
_refine_ls_shell.R_factor_R_free_error 
_refine_ls_shell.percent_reflns_R_free 
_refine_ls_shell.number_reflns_R_free 
_refine_ls_shell.number_reflns_all 
_refine_ls_shell.R_factor_all 
_refine_ls_shell.number_reflns_obs 
_refine_ls_shell.redundancy_reflns_obs 
'X-RAY DIFFRACTION' . 1.8391 2.1046  2581 0.1955 54.00 0.2630 . . 132 . . . . 
'X-RAY DIFFRACTION' . 2.1046 2.6489  2596 0.1793 54.00 0.2223 . . 145 . . . . 
'X-RAY DIFFRACTION' . 2.6489 14.4640 2769 0.1929 57.00 0.1983 . . 120 . . . . 
# 
_struct.entry_id                  3RDY 
_struct.title                     'Crystal Structure of buckwheat trypsin inhibitor rBTI at 1.84 angstrom resolution' 
_struct.pdbx_model_details        ? 
_struct.pdbx_CASP_flag            ? 
_struct.pdbx_model_type_details   ? 
# 
_struct_keywords.entry_id        3RDY 
_struct_keywords.pdbx_keywords   'HYDROLASE INHIBITOR' 
_struct_keywords.text            'serine protease inhibitor, potato inhibitor I, trypsin inhibitor, trypsin, HYDROLASE INHIBITOR' 
# 
loop_
_struct_asym.id 
_struct_asym.pdbx_blank_PDB_chainid_flag 
_struct_asym.pdbx_modified 
_struct_asym.entity_id 
_struct_asym.details 
A N N 1 ? 
B N N 2 ? 
# 
_struct_ref.id                         1 
_struct_ref.db_name                    UNP 
_struct_ref.db_code                    Q9S9F3_FAGES 
_struct_ref.pdbx_db_accession          Q9S9F3 
_struct_ref.entity_id                  1 
_struct_ref.pdbx_seq_one_letter_code   LRQCSGKQEWPELVGERGSKAAKIIENENEDVRAIVLPEGSAVPRDLRCDRVWVFVDERGVVVDTPVVM 
_struct_ref.pdbx_align_begin           1 
_struct_ref.pdbx_db_isoform            ? 
# 
_struct_ref_seq.align_id                      1 
_struct_ref_seq.ref_id                        1 
_struct_ref_seq.pdbx_PDB_id_code              3RDY 
_struct_ref_seq.pdbx_strand_id                A 
_struct_ref_seq.seq_align_beg                 11 
_struct_ref_seq.pdbx_seq_align_beg_ins_code   ? 
_struct_ref_seq.seq_align_end                 79 
_struct_ref_seq.pdbx_seq_align_end_ins_code   ? 
_struct_ref_seq.pdbx_db_accession             Q9S9F3 
_struct_ref_seq.db_align_beg                  1 
_struct_ref_seq.pdbx_db_align_beg_ins_code    ? 
_struct_ref_seq.db_align_end                  69 
_struct_ref_seq.pdbx_db_align_end_ins_code    ? 
_struct_ref_seq.pdbx_auth_seq_align_beg       1 
_struct_ref_seq.pdbx_auth_seq_align_end       69 
# 
loop_
_struct_ref_seq_dif.align_id 
_struct_ref_seq_dif.pdbx_pdb_id_code 
_struct_ref_seq_dif.mon_id 
_struct_ref_seq_dif.pdbx_pdb_strand_id 
_struct_ref_seq_dif.seq_num 
_struct_ref_seq_dif.pdbx_pdb_ins_code 
_struct_ref_seq_dif.pdbx_seq_db_name 
_struct_ref_seq_dif.pdbx_seq_db_accession_code 
_struct_ref_seq_dif.db_mon_id 
_struct_ref_seq_dif.pdbx_seq_db_seq_num 
_struct_ref_seq_dif.details 
_struct_ref_seq_dif.pdbx_auth_seq_num 
_struct_ref_seq_dif.pdbx_ordinal 
1 3RDY MET A 1  ? UNP Q9S9F3 ? ? 'expression tag' -9 1  
1 3RDY ARG A 2  ? UNP Q9S9F3 ? ? 'expression tag' -8 2  
1 3RDY GLY A 3  ? UNP Q9S9F3 ? ? 'expression tag' -7 3  
1 3RDY SER A 4  ? UNP Q9S9F3 ? ? 'expression tag' -6 4  
1 3RDY HIS A 5  ? UNP Q9S9F3 ? ? 'expression tag' -5 5  
1 3RDY HIS A 6  ? UNP Q9S9F3 ? ? 'expression tag' -4 6  
1 3RDY HIS A 7  ? UNP Q9S9F3 ? ? 'expression tag' -3 7  
1 3RDY HIS A 8  ? UNP Q9S9F3 ? ? 'expression tag' -2 8  
1 3RDY HIS A 9  ? UNP Q9S9F3 ? ? 'expression tag' -1 9  
1 3RDY HIS A 10 ? UNP Q9S9F3 ? ? 'expression tag' 0  10 
# 
_pdbx_struct_assembly.id                   1 
_pdbx_struct_assembly.details              author_and_software_defined_assembly 
_pdbx_struct_assembly.method_details       PISA 
_pdbx_struct_assembly.oligomeric_details   monomeric 
_pdbx_struct_assembly.oligomeric_count     1 
# 
_pdbx_struct_assembly_gen.assembly_id       1 
_pdbx_struct_assembly_gen.oper_expression   1 
_pdbx_struct_assembly_gen.asym_id_list      A,B 
# 
_pdbx_struct_oper_list.id                   1 
_pdbx_struct_oper_list.type                 'identity operation' 
_pdbx_struct_oper_list.name                 1_555 
_pdbx_struct_oper_list.symmetry_operation   x,y,z 
_pdbx_struct_oper_list.matrix[1][1]         1.0000000000 
_pdbx_struct_oper_list.matrix[1][2]         0.0000000000 
_pdbx_struct_oper_list.matrix[1][3]         0.0000000000 
_pdbx_struct_oper_list.vector[1]            0.0000000000 
_pdbx_struct_oper_list.matrix[2][1]         0.0000000000 
_pdbx_struct_oper_list.matrix[2][2]         1.0000000000 
_pdbx_struct_oper_list.matrix[2][3]         0.0000000000 
_pdbx_struct_oper_list.vector[2]            0.0000000000 
_pdbx_struct_oper_list.matrix[3][1]         0.0000000000 
_pdbx_struct_oper_list.matrix[3][2]         0.0000000000 
_pdbx_struct_oper_list.matrix[3][3]         1.0000000000 
_pdbx_struct_oper_list.vector[3]            0.0000000000 
# 
loop_
_struct_conf.conf_type_id 
_struct_conf.id 
_struct_conf.pdbx_PDB_helix_id 
_struct_conf.beg_label_comp_id 
_struct_conf.beg_label_asym_id 
_struct_conf.beg_label_seq_id 
_struct_conf.pdbx_beg_PDB_ins_code 
_struct_conf.end_label_comp_id 
_struct_conf.end_label_asym_id 
_struct_conf.end_label_seq_id 
_struct_conf.pdbx_end_PDB_ins_code 
_struct_conf.beg_auth_comp_id 
_struct_conf.beg_auth_asym_id 
_struct_conf.beg_auth_seq_id 
_struct_conf.end_auth_comp_id 
_struct_conf.end_auth_asym_id 
_struct_conf.end_auth_seq_id 
_struct_conf.pdbx_PDB_helix_class 
_struct_conf.details 
_struct_conf.pdbx_PDB_helix_length 
HELX_P HELX_P1 1 TRP A 20 ? VAL A 24 ? TRP A 10 VAL A 14 5 ? 5  
HELX_P HELX_P2 2 ARG A 27 ? ASN A 39 ? ARG A 17 ASN A 29 1 ? 13 
# 
_struct_conf_type.id          HELX_P 
_struct_conf_type.criteria    ? 
_struct_conf_type.reference   ? 
# 
_struct_conn.id                            disulf1 
_struct_conn.conn_type_id                  disulf 
_struct_conn.pdbx_leaving_atom_flag        ? 
_struct_conn.pdbx_PDB_id                   ? 
_struct_conn.ptnr1_label_asym_id           A 
_struct_conn.ptnr1_label_comp_id           CYS 
_struct_conn.ptnr1_label_seq_id            14 
_struct_conn.ptnr1_label_atom_id           SG 
_struct_conn.pdbx_ptnr1_label_alt_id       ? 
_struct_conn.pdbx_ptnr1_PDB_ins_code       ? 
_struct_conn.pdbx_ptnr1_standard_comp_id   ? 
_struct_conn.ptnr1_symmetry                1_555 
_struct_conn.ptnr2_label_asym_id           A 
_struct_conn.ptnr2_label_comp_id           CYS 
_struct_conn.ptnr2_label_seq_id            59 
_struct_conn.ptnr2_label_atom_id           SG 
_struct_conn.pdbx_ptnr2_label_alt_id       ? 
_struct_conn.pdbx_ptnr2_PDB_ins_code       ? 
_struct_conn.ptnr1_auth_asym_id            A 
_struct_conn.ptnr1_auth_comp_id            CYS 
_struct_conn.ptnr1_auth_seq_id             4 
_struct_conn.ptnr2_auth_asym_id            A 
_struct_conn.ptnr2_auth_comp_id            CYS 
_struct_conn.ptnr2_auth_seq_id             49 
_struct_conn.ptnr2_symmetry                1_555 
_struct_conn.pdbx_ptnr3_label_atom_id      ? 
_struct_conn.pdbx_ptnr3_label_seq_id       ? 
_struct_conn.pdbx_ptnr3_label_comp_id      ? 
_struct_conn.pdbx_ptnr3_label_asym_id      ? 
_struct_conn.pdbx_ptnr3_label_alt_id       ? 
_struct_conn.pdbx_ptnr3_PDB_ins_code       ? 
_struct_conn.details                       ? 
_struct_conn.pdbx_dist_value               2.076 
_struct_conn.pdbx_value_order              ? 
_struct_conn.pdbx_role                     ? 
# 
_struct_conn_type.id          disulf 
_struct_conn_type.criteria    ? 
_struct_conn_type.reference   ? 
# 
_pdbx_modification_feature.ordinal                            1 
_pdbx_modification_feature.label_comp_id                      CYS 
_pdbx_modification_feature.label_asym_id                      A 
_pdbx_modification_feature.label_seq_id                       14 
_pdbx_modification_feature.label_alt_id                       ? 
_pdbx_modification_feature.modified_residue_label_comp_id     CYS 
_pdbx_modification_feature.modified_residue_label_asym_id     A 
_pdbx_modification_feature.modified_residue_label_seq_id      59 
_pdbx_modification_feature.modified_residue_label_alt_id      ? 
_pdbx_modification_feature.auth_comp_id                       CYS 
_pdbx_modification_feature.auth_asym_id                       A 
_pdbx_modification_feature.auth_seq_id                        4 
_pdbx_modification_feature.PDB_ins_code                       ? 
_pdbx_modification_feature.symmetry                           1_555 
_pdbx_modification_feature.modified_residue_auth_comp_id      CYS 
_pdbx_modification_feature.modified_residue_auth_asym_id      A 
_pdbx_modification_feature.modified_residue_auth_seq_id       49 
_pdbx_modification_feature.modified_residue_PDB_ins_code      ? 
_pdbx_modification_feature.modified_residue_symmetry          1_555 
_pdbx_modification_feature.comp_id_linking_atom               SG 
_pdbx_modification_feature.modified_residue_id_linking_atom   SG 
_pdbx_modification_feature.modified_residue_id                . 
_pdbx_modification_feature.ref_pcm_id                         . 
_pdbx_modification_feature.ref_comp_id                        . 
_pdbx_modification_feature.type                               None 
_pdbx_modification_feature.category                           'Disulfide bridge' 
# 
_struct_sheet.id               A 
_struct_sheet.type             ? 
_struct_sheet.number_strands   2 
_struct_sheet.details          ? 
# 
_struct_sheet_order.sheet_id     A 
_struct_sheet_order.range_id_1   1 
_struct_sheet_order.range_id_2   2 
_struct_sheet_order.offset       ? 
_struct_sheet_order.sense        parallel 
# 
loop_
_struct_sheet_range.sheet_id 
_struct_sheet_range.id 
_struct_sheet_range.beg_label_comp_id 
_struct_sheet_range.beg_label_asym_id 
_struct_sheet_range.beg_label_seq_id 
_struct_sheet_range.pdbx_beg_PDB_ins_code 
_struct_sheet_range.end_label_comp_id 
_struct_sheet_range.end_label_asym_id 
_struct_sheet_range.end_label_seq_id 
_struct_sheet_range.pdbx_end_PDB_ins_code 
_struct_sheet_range.beg_auth_comp_id 
_struct_sheet_range.beg_auth_asym_id 
_struct_sheet_range.beg_auth_seq_id 
_struct_sheet_range.end_auth_comp_id 
_struct_sheet_range.end_auth_asym_id 
_struct_sheet_range.end_auth_seq_id 
A 1 ARG A 43 ? PRO A 48 ? ARG A 33 PRO A 38 
A 2 ARG A 61 ? VAL A 66 ? ARG A 51 VAL A 56 
# 
_pdbx_struct_sheet_hbond.sheet_id                A 
_pdbx_struct_sheet_hbond.range_id_1              1 
_pdbx_struct_sheet_hbond.range_id_2              2 
_pdbx_struct_sheet_hbond.range_1_label_atom_id   N 
_pdbx_struct_sheet_hbond.range_1_label_comp_id   ILE 
_pdbx_struct_sheet_hbond.range_1_label_asym_id   A 
_pdbx_struct_sheet_hbond.range_1_label_seq_id    45 
_pdbx_struct_sheet_hbond.range_1_PDB_ins_code    ? 
_pdbx_struct_sheet_hbond.range_1_auth_atom_id    N 
_pdbx_struct_sheet_hbond.range_1_auth_comp_id    ILE 
_pdbx_struct_sheet_hbond.range_1_auth_asym_id    A 
_pdbx_struct_sheet_hbond.range_1_auth_seq_id     35 
_pdbx_struct_sheet_hbond.range_2_label_atom_id   O 
_pdbx_struct_sheet_hbond.range_2_label_comp_id   VAL 
_pdbx_struct_sheet_hbond.range_2_label_asym_id   A 
_pdbx_struct_sheet_hbond.range_2_label_seq_id    64 
_pdbx_struct_sheet_hbond.range_2_PDB_ins_code    ? 
_pdbx_struct_sheet_hbond.range_2_auth_atom_id    O 
_pdbx_struct_sheet_hbond.range_2_auth_comp_id    VAL 
_pdbx_struct_sheet_hbond.range_2_auth_asym_id    A 
_pdbx_struct_sheet_hbond.range_2_auth_seq_id     54 
# 
_pdbx_entry_details.entry_id                   3RDY 
_pdbx_entry_details.compound_details           ? 
_pdbx_entry_details.source_details             ? 
_pdbx_entry_details.nonpolymer_details         ? 
_pdbx_entry_details.sequence_details           ? 
_pdbx_entry_details.has_ligand_of_interest     ? 
_pdbx_entry_details.has_protein_modification   Y 
# 
loop_
_pdbx_validate_rmsd_angle.id 
_pdbx_validate_rmsd_angle.PDB_model_num 
_pdbx_validate_rmsd_angle.auth_atom_id_1 
_pdbx_validate_rmsd_angle.auth_asym_id_1 
_pdbx_validate_rmsd_angle.auth_comp_id_1 
_pdbx_validate_rmsd_angle.auth_seq_id_1 
_pdbx_validate_rmsd_angle.PDB_ins_code_1 
_pdbx_validate_rmsd_angle.label_alt_id_1 
_pdbx_validate_rmsd_angle.auth_atom_id_2 
_pdbx_validate_rmsd_angle.auth_asym_id_2 
_pdbx_validate_rmsd_angle.auth_comp_id_2 
_pdbx_validate_rmsd_angle.auth_seq_id_2 
_pdbx_validate_rmsd_angle.PDB_ins_code_2 
_pdbx_validate_rmsd_angle.label_alt_id_2 
_pdbx_validate_rmsd_angle.auth_atom_id_3 
_pdbx_validate_rmsd_angle.auth_asym_id_3 
_pdbx_validate_rmsd_angle.auth_comp_id_3 
_pdbx_validate_rmsd_angle.auth_seq_id_3 
_pdbx_validate_rmsd_angle.PDB_ins_code_3 
_pdbx_validate_rmsd_angle.label_alt_id_3 
_pdbx_validate_rmsd_angle.angle_value 
_pdbx_validate_rmsd_angle.angle_target_value 
_pdbx_validate_rmsd_angle.angle_deviation 
_pdbx_validate_rmsd_angle.angle_standard_deviation 
_pdbx_validate_rmsd_angle.linker_flag 
1 1 NE A ARG 33 ? ? CZ A ARG 33 ? ? NH1 A ARG 33 ? ? 123.89 120.30 3.59  0.50 N 
2 1 NE A ARG 33 ? ? CZ A ARG 33 ? ? NH2 A ARG 33 ? ? 115.65 120.30 -4.65 0.50 N 
# 
_pdbx_validate_torsion.id              1 
_pdbx_validate_torsion.PDB_model_num   1 
_pdbx_validate_torsion.auth_comp_id    ARG 
_pdbx_validate_torsion.auth_asym_id    A 
_pdbx_validate_torsion.auth_seq_id     45 
_pdbx_validate_torsion.PDB_ins_code    ? 
_pdbx_validate_torsion.label_alt_id    ? 
_pdbx_validate_torsion.phi             -92.44 
_pdbx_validate_torsion.psi             43.27 
# 
loop_
_pdbx_unobs_or_zero_occ_residues.id 
_pdbx_unobs_or_zero_occ_residues.PDB_model_num 
_pdbx_unobs_or_zero_occ_residues.polymer_flag 
_pdbx_unobs_or_zero_occ_residues.occupancy_flag 
_pdbx_unobs_or_zero_occ_residues.auth_asym_id 
_pdbx_unobs_or_zero_occ_residues.auth_comp_id 
_pdbx_unobs_or_zero_occ_residues.auth_seq_id 
_pdbx_unobs_or_zero_occ_residues.PDB_ins_code 
_pdbx_unobs_or_zero_occ_residues.label_asym_id 
_pdbx_unobs_or_zero_occ_residues.label_comp_id 
_pdbx_unobs_or_zero_occ_residues.label_seq_id 
1  1 Y 1 A MET -9 ? A MET 1  
2  1 Y 1 A ARG -8 ? A ARG 2  
3  1 Y 1 A GLY -7 ? A GLY 3  
4  1 Y 1 A SER -6 ? A SER 4  
5  1 Y 1 A HIS -5 ? A HIS 5  
6  1 Y 1 A HIS -4 ? A HIS 6  
7  1 Y 1 A HIS -3 ? A HIS 7  
8  1 Y 1 A HIS -2 ? A HIS 8  
9  1 Y 1 A HIS -1 ? A HIS 9  
10 1 Y 1 A HIS 0  ? A HIS 10 
11 1 Y 1 A LEU 1  ? A LEU 11 
12 1 Y 1 A ARG 2  ? A ARG 12 
# 
loop_
_chem_comp_atom.comp_id 
_chem_comp_atom.atom_id 
_chem_comp_atom.type_symbol 
_chem_comp_atom.pdbx_aromatic_flag 
_chem_comp_atom.pdbx_stereo_config 
_chem_comp_atom.pdbx_ordinal 
ALA N    N N N 1   
ALA CA   C N S 2   
ALA C    C N N 3   
ALA O    O N N 4   
ALA CB   C N N 5   
ALA OXT  O N N 6   
ALA H    H N N 7   
ALA H2   H N N 8   
ALA HA   H N N 9   
ALA HB1  H N N 10  
ALA HB2  H N N 11  
ALA HB3  H N N 12  
ALA HXT  H N N 13  
ARG N    N N N 14  
ARG CA   C N S 15  
ARG C    C N N 16  
ARG O    O N N 17  
ARG CB   C N N 18  
ARG CG   C N N 19  
ARG CD   C N N 20  
ARG NE   N N N 21  
ARG CZ   C N N 22  
ARG NH1  N N N 23  
ARG NH2  N N N 24  
ARG OXT  O N N 25  
ARG H    H N N 26  
ARG H2   H N N 27  
ARG HA   H N N 28  
ARG HB2  H N N 29  
ARG HB3  H N N 30  
ARG HG2  H N N 31  
ARG HG3  H N N 32  
ARG HD2  H N N 33  
ARG HD3  H N N 34  
ARG HE   H N N 35  
ARG HH11 H N N 36  
ARG HH12 H N N 37  
ARG HH21 H N N 38  
ARG HH22 H N N 39  
ARG HXT  H N N 40  
ASN N    N N N 41  
ASN CA   C N S 42  
ASN C    C N N 43  
ASN O    O N N 44  
ASN CB   C N N 45  
ASN CG   C N N 46  
ASN OD1  O N N 47  
ASN ND2  N N N 48  
ASN OXT  O N N 49  
ASN H    H N N 50  
ASN H2   H N N 51  
ASN HA   H N N 52  
ASN HB2  H N N 53  
ASN HB3  H N N 54  
ASN HD21 H N N 55  
ASN HD22 H N N 56  
ASN HXT  H N N 57  
ASP N    N N N 58  
ASP CA   C N S 59  
ASP C    C N N 60  
ASP O    O N N 61  
ASP CB   C N N 62  
ASP CG   C N N 63  
ASP OD1  O N N 64  
ASP OD2  O N N 65  
ASP OXT  O N N 66  
ASP H    H N N 67  
ASP H2   H N N 68  
ASP HA   H N N 69  
ASP HB2  H N N 70  
ASP HB3  H N N 71  
ASP HD2  H N N 72  
ASP HXT  H N N 73  
CYS N    N N N 74  
CYS CA   C N R 75  
CYS C    C N N 76  
CYS O    O N N 77  
CYS CB   C N N 78  
CYS SG   S N N 79  
CYS OXT  O N N 80  
CYS H    H N N 81  
CYS H2   H N N 82  
CYS HA   H N N 83  
CYS HB2  H N N 84  
CYS HB3  H N N 85  
CYS HG   H N N 86  
CYS HXT  H N N 87  
GLN N    N N N 88  
GLN CA   C N S 89  
GLN C    C N N 90  
GLN O    O N N 91  
GLN CB   C N N 92  
GLN CG   C N N 93  
GLN CD   C N N 94  
GLN OE1  O N N 95  
GLN NE2  N N N 96  
GLN OXT  O N N 97  
GLN H    H N N 98  
GLN H2   H N N 99  
GLN HA   H N N 100 
GLN HB2  H N N 101 
GLN HB3  H N N 102 
GLN HG2  H N N 103 
GLN HG3  H N N 104 
GLN HE21 H N N 105 
GLN HE22 H N N 106 
GLN HXT  H N N 107 
GLU N    N N N 108 
GLU CA   C N S 109 
GLU C    C N N 110 
GLU O    O N N 111 
GLU CB   C N N 112 
GLU CG   C N N 113 
GLU CD   C N N 114 
GLU OE1  O N N 115 
GLU OE2  O N N 116 
GLU OXT  O N N 117 
GLU H    H N N 118 
GLU H2   H N N 119 
GLU HA   H N N 120 
GLU HB2  H N N 121 
GLU HB3  H N N 122 
GLU HG2  H N N 123 
GLU HG3  H N N 124 
GLU HE2  H N N 125 
GLU HXT  H N N 126 
GLY N    N N N 127 
GLY CA   C N N 128 
GLY C    C N N 129 
GLY O    O N N 130 
GLY OXT  O N N 131 
GLY H    H N N 132 
GLY H2   H N N 133 
GLY HA2  H N N 134 
GLY HA3  H N N 135 
GLY HXT  H N N 136 
HIS N    N N N 137 
HIS CA   C N S 138 
HIS C    C N N 139 
HIS O    O N N 140 
HIS CB   C N N 141 
HIS CG   C Y N 142 
HIS ND1  N Y N 143 
HIS CD2  C Y N 144 
HIS CE1  C Y N 145 
HIS NE2  N Y N 146 
HIS OXT  O N N 147 
HIS H    H N N 148 
HIS H2   H N N 149 
HIS HA   H N N 150 
HIS HB2  H N N 151 
HIS HB3  H N N 152 
HIS HD1  H N N 153 
HIS HD2  H N N 154 
HIS HE1  H N N 155 
HIS HE2  H N N 156 
HIS HXT  H N N 157 
HOH O    O N N 158 
HOH H1   H N N 159 
HOH H2   H N N 160 
ILE N    N N N 161 
ILE CA   C N S 162 
ILE C    C N N 163 
ILE O    O N N 164 
ILE CB   C N S 165 
ILE CG1  C N N 166 
ILE CG2  C N N 167 
ILE CD1  C N N 168 
ILE OXT  O N N 169 
ILE H    H N N 170 
ILE H2   H N N 171 
ILE HA   H N N 172 
ILE HB   H N N 173 
ILE HG12 H N N 174 
ILE HG13 H N N 175 
ILE HG21 H N N 176 
ILE HG22 H N N 177 
ILE HG23 H N N 178 
ILE HD11 H N N 179 
ILE HD12 H N N 180 
ILE HD13 H N N 181 
ILE HXT  H N N 182 
LEU N    N N N 183 
LEU CA   C N S 184 
LEU C    C N N 185 
LEU O    O N N 186 
LEU CB   C N N 187 
LEU CG   C N N 188 
LEU CD1  C N N 189 
LEU CD2  C N N 190 
LEU OXT  O N N 191 
LEU H    H N N 192 
LEU H2   H N N 193 
LEU HA   H N N 194 
LEU HB2  H N N 195 
LEU HB3  H N N 196 
LEU HG   H N N 197 
LEU HD11 H N N 198 
LEU HD12 H N N 199 
LEU HD13 H N N 200 
LEU HD21 H N N 201 
LEU HD22 H N N 202 
LEU HD23 H N N 203 
LEU HXT  H N N 204 
LYS N    N N N 205 
LYS CA   C N S 206 
LYS C    C N N 207 
LYS O    O N N 208 
LYS CB   C N N 209 
LYS CG   C N N 210 
LYS CD   C N N 211 
LYS CE   C N N 212 
LYS NZ   N N N 213 
LYS OXT  O N N 214 
LYS H    H N N 215 
LYS H2   H N N 216 
LYS HA   H N N 217 
LYS HB2  H N N 218 
LYS HB3  H N N 219 
LYS HG2  H N N 220 
LYS HG3  H N N 221 
LYS HD2  H N N 222 
LYS HD3  H N N 223 
LYS HE2  H N N 224 
LYS HE3  H N N 225 
LYS HZ1  H N N 226 
LYS HZ2  H N N 227 
LYS HZ3  H N N 228 
LYS HXT  H N N 229 
MET N    N N N 230 
MET CA   C N S 231 
MET C    C N N 232 
MET O    O N N 233 
MET CB   C N N 234 
MET CG   C N N 235 
MET SD   S N N 236 
MET CE   C N N 237 
MET OXT  O N N 238 
MET H    H N N 239 
MET H2   H N N 240 
MET HA   H N N 241 
MET HB2  H N N 242 
MET HB3  H N N 243 
MET HG2  H N N 244 
MET HG3  H N N 245 
MET HE1  H N N 246 
MET HE2  H N N 247 
MET HE3  H N N 248 
MET HXT  H N N 249 
PHE N    N N N 250 
PHE CA   C N S 251 
PHE C    C N N 252 
PHE O    O N N 253 
PHE CB   C N N 254 
PHE CG   C Y N 255 
PHE CD1  C Y N 256 
PHE CD2  C Y N 257 
PHE CE1  C Y N 258 
PHE CE2  C Y N 259 
PHE CZ   C Y N 260 
PHE OXT  O N N 261 
PHE H    H N N 262 
PHE H2   H N N 263 
PHE HA   H N N 264 
PHE HB2  H N N 265 
PHE HB3  H N N 266 
PHE HD1  H N N 267 
PHE HD2  H N N 268 
PHE HE1  H N N 269 
PHE HE2  H N N 270 
PHE HZ   H N N 271 
PHE HXT  H N N 272 
PRO N    N N N 273 
PRO CA   C N S 274 
PRO C    C N N 275 
PRO O    O N N 276 
PRO CB   C N N 277 
PRO CG   C N N 278 
PRO CD   C N N 279 
PRO OXT  O N N 280 
PRO H    H N N 281 
PRO HA   H N N 282 
PRO HB2  H N N 283 
PRO HB3  H N N 284 
PRO HG2  H N N 285 
PRO HG3  H N N 286 
PRO HD2  H N N 287 
PRO HD3  H N N 288 
PRO HXT  H N N 289 
SER N    N N N 290 
SER CA   C N S 291 
SER C    C N N 292 
SER O    O N N 293 
SER CB   C N N 294 
SER OG   O N N 295 
SER OXT  O N N 296 
SER H    H N N 297 
SER H2   H N N 298 
SER HA   H N N 299 
SER HB2  H N N 300 
SER HB3  H N N 301 
SER HG   H N N 302 
SER HXT  H N N 303 
THR N    N N N 304 
THR CA   C N S 305 
THR C    C N N 306 
THR O    O N N 307 
THR CB   C N R 308 
THR OG1  O N N 309 
THR CG2  C N N 310 
THR OXT  O N N 311 
THR H    H N N 312 
THR H2   H N N 313 
THR HA   H N N 314 
THR HB   H N N 315 
THR HG1  H N N 316 
THR HG21 H N N 317 
THR HG22 H N N 318 
THR HG23 H N N 319 
THR HXT  H N N 320 
TRP N    N N N 321 
TRP CA   C N S 322 
TRP C    C N N 323 
TRP O    O N N 324 
TRP CB   C N N 325 
TRP CG   C Y N 326 
TRP CD1  C Y N 327 
TRP CD2  C Y N 328 
TRP NE1  N Y N 329 
TRP CE2  C Y N 330 
TRP CE3  C Y N 331 
TRP CZ2  C Y N 332 
TRP CZ3  C Y N 333 
TRP CH2  C Y N 334 
TRP OXT  O N N 335 
TRP H    H N N 336 
TRP H2   H N N 337 
TRP HA   H N N 338 
TRP HB2  H N N 339 
TRP HB3  H N N 340 
TRP HD1  H N N 341 
TRP HE1  H N N 342 
TRP HE3  H N N 343 
TRP HZ2  H N N 344 
TRP HZ3  H N N 345 
TRP HH2  H N N 346 
TRP HXT  H N N 347 
VAL N    N N N 348 
VAL CA   C N S 349 
VAL C    C N N 350 
VAL O    O N N 351 
VAL CB   C N N 352 
VAL CG1  C N N 353 
VAL CG2  C N N 354 
VAL OXT  O N N 355 
VAL H    H N N 356 
VAL H2   H N N 357 
VAL HA   H N N 358 
VAL HB   H N N 359 
VAL HG11 H N N 360 
VAL HG12 H N N 361 
VAL HG13 H N N 362 
VAL HG21 H N N 363 
VAL HG22 H N N 364 
VAL HG23 H N N 365 
VAL HXT  H N N 366 
# 
loop_
_chem_comp_bond.comp_id 
_chem_comp_bond.atom_id_1 
_chem_comp_bond.atom_id_2 
_chem_comp_bond.value_order 
_chem_comp_bond.pdbx_aromatic_flag 
_chem_comp_bond.pdbx_stereo_config 
_chem_comp_bond.pdbx_ordinal 
ALA N   CA   sing N N 1   
ALA N   H    sing N N 2   
ALA N   H2   sing N N 3   
ALA CA  C    sing N N 4   
ALA CA  CB   sing N N 5   
ALA CA  HA   sing N N 6   
ALA C   O    doub N N 7   
ALA C   OXT  sing N N 8   
ALA CB  HB1  sing N N 9   
ALA CB  HB2  sing N N 10  
ALA CB  HB3  sing N N 11  
ALA OXT HXT  sing N N 12  
ARG N   CA   sing N N 13  
ARG N   H    sing N N 14  
ARG N   H2   sing N N 15  
ARG CA  C    sing N N 16  
ARG CA  CB   sing N N 17  
ARG CA  HA   sing N N 18  
ARG C   O    doub N N 19  
ARG C   OXT  sing N N 20  
ARG CB  CG   sing N N 21  
ARG CB  HB2  sing N N 22  
ARG CB  HB3  sing N N 23  
ARG CG  CD   sing N N 24  
ARG CG  HG2  sing N N 25  
ARG CG  HG3  sing N N 26  
ARG CD  NE   sing N N 27  
ARG CD  HD2  sing N N 28  
ARG CD  HD3  sing N N 29  
ARG NE  CZ   sing N N 30  
ARG NE  HE   sing N N 31  
ARG CZ  NH1  sing N N 32  
ARG CZ  NH2  doub N N 33  
ARG NH1 HH11 sing N N 34  
ARG NH1 HH12 sing N N 35  
ARG NH2 HH21 sing N N 36  
ARG NH2 HH22 sing N N 37  
ARG OXT HXT  sing N N 38  
ASN N   CA   sing N N 39  
ASN N   H    sing N N 40  
ASN N   H2   sing N N 41  
ASN CA  C    sing N N 42  
ASN CA  CB   sing N N 43  
ASN CA  HA   sing N N 44  
ASN C   O    doub N N 45  
ASN C   OXT  sing N N 46  
ASN CB  CG   sing N N 47  
ASN CB  HB2  sing N N 48  
ASN CB  HB3  sing N N 49  
ASN CG  OD1  doub N N 50  
ASN CG  ND2  sing N N 51  
ASN ND2 HD21 sing N N 52  
ASN ND2 HD22 sing N N 53  
ASN OXT HXT  sing N N 54  
ASP N   CA   sing N N 55  
ASP N   H    sing N N 56  
ASP N   H2   sing N N 57  
ASP CA  C    sing N N 58  
ASP CA  CB   sing N N 59  
ASP CA  HA   sing N N 60  
ASP C   O    doub N N 61  
ASP C   OXT  sing N N 62  
ASP CB  CG   sing N N 63  
ASP CB  HB2  sing N N 64  
ASP CB  HB3  sing N N 65  
ASP CG  OD1  doub N N 66  
ASP CG  OD2  sing N N 67  
ASP OD2 HD2  sing N N 68  
ASP OXT HXT  sing N N 69  
CYS N   CA   sing N N 70  
CYS N   H    sing N N 71  
CYS N   H2   sing N N 72  
CYS CA  C    sing N N 73  
CYS CA  CB   sing N N 74  
CYS CA  HA   sing N N 75  
CYS C   O    doub N N 76  
CYS C   OXT  sing N N 77  
CYS CB  SG   sing N N 78  
CYS CB  HB2  sing N N 79  
CYS CB  HB3  sing N N 80  
CYS SG  HG   sing N N 81  
CYS OXT HXT  sing N N 82  
GLN N   CA   sing N N 83  
GLN N   H    sing N N 84  
GLN N   H2   sing N N 85  
GLN CA  C    sing N N 86  
GLN CA  CB   sing N N 87  
GLN CA  HA   sing N N 88  
GLN C   O    doub N N 89  
GLN C   OXT  sing N N 90  
GLN CB  CG   sing N N 91  
GLN CB  HB2  sing N N 92  
GLN CB  HB3  sing N N 93  
GLN CG  CD   sing N N 94  
GLN CG  HG2  sing N N 95  
GLN CG  HG3  sing N N 96  
GLN CD  OE1  doub N N 97  
GLN CD  NE2  sing N N 98  
GLN NE2 HE21 sing N N 99  
GLN NE2 HE22 sing N N 100 
GLN OXT HXT  sing N N 101 
GLU N   CA   sing N N 102 
GLU N   H    sing N N 103 
GLU N   H2   sing N N 104 
GLU CA  C    sing N N 105 
GLU CA  CB   sing N N 106 
GLU CA  HA   sing N N 107 
GLU C   O    doub N N 108 
GLU C   OXT  sing N N 109 
GLU CB  CG   sing N N 110 
GLU CB  HB2  sing N N 111 
GLU CB  HB3  sing N N 112 
GLU CG  CD   sing N N 113 
GLU CG  HG2  sing N N 114 
GLU CG  HG3  sing N N 115 
GLU CD  OE1  doub N N 116 
GLU CD  OE2  sing N N 117 
GLU OE2 HE2  sing N N 118 
GLU OXT HXT  sing N N 119 
GLY N   CA   sing N N 120 
GLY N   H    sing N N 121 
GLY N   H2   sing N N 122 
GLY CA  C    sing N N 123 
GLY CA  HA2  sing N N 124 
GLY CA  HA3  sing N N 125 
GLY C   O    doub N N 126 
GLY C   OXT  sing N N 127 
GLY OXT HXT  sing N N 128 
HIS N   CA   sing N N 129 
HIS N   H    sing N N 130 
HIS N   H2   sing N N 131 
HIS CA  C    sing N N 132 
HIS CA  CB   sing N N 133 
HIS CA  HA   sing N N 134 
HIS C   O    doub N N 135 
HIS C   OXT  sing N N 136 
HIS CB  CG   sing N N 137 
HIS CB  HB2  sing N N 138 
HIS CB  HB3  sing N N 139 
HIS CG  ND1  sing Y N 140 
HIS CG  CD2  doub Y N 141 
HIS ND1 CE1  doub Y N 142 
HIS ND1 HD1  sing N N 143 
HIS CD2 NE2  sing Y N 144 
HIS CD2 HD2  sing N N 145 
HIS CE1 NE2  sing Y N 146 
HIS CE1 HE1  sing N N 147 
HIS NE2 HE2  sing N N 148 
HIS OXT HXT  sing N N 149 
HOH O   H1   sing N N 150 
HOH O   H2   sing N N 151 
ILE N   CA   sing N N 152 
ILE N   H    sing N N 153 
ILE N   H2   sing N N 154 
ILE CA  C    sing N N 155 
ILE CA  CB   sing N N 156 
ILE CA  HA   sing N N 157 
ILE C   O    doub N N 158 
ILE C   OXT  sing N N 159 
ILE CB  CG1  sing N N 160 
ILE CB  CG2  sing N N 161 
ILE CB  HB   sing N N 162 
ILE CG1 CD1  sing N N 163 
ILE CG1 HG12 sing N N 164 
ILE CG1 HG13 sing N N 165 
ILE CG2 HG21 sing N N 166 
ILE CG2 HG22 sing N N 167 
ILE CG2 HG23 sing N N 168 
ILE CD1 HD11 sing N N 169 
ILE CD1 HD12 sing N N 170 
ILE CD1 HD13 sing N N 171 
ILE OXT HXT  sing N N 172 
LEU N   CA   sing N N 173 
LEU N   H    sing N N 174 
LEU N   H2   sing N N 175 
LEU CA  C    sing N N 176 
LEU CA  CB   sing N N 177 
LEU CA  HA   sing N N 178 
LEU C   O    doub N N 179 
LEU C   OXT  sing N N 180 
LEU CB  CG   sing N N 181 
LEU CB  HB2  sing N N 182 
LEU CB  HB3  sing N N 183 
LEU CG  CD1  sing N N 184 
LEU CG  CD2  sing N N 185 
LEU CG  HG   sing N N 186 
LEU CD1 HD11 sing N N 187 
LEU CD1 HD12 sing N N 188 
LEU CD1 HD13 sing N N 189 
LEU CD2 HD21 sing N N 190 
LEU CD2 HD22 sing N N 191 
LEU CD2 HD23 sing N N 192 
LEU OXT HXT  sing N N 193 
LYS N   CA   sing N N 194 
LYS N   H    sing N N 195 
LYS N   H2   sing N N 196 
LYS CA  C    sing N N 197 
LYS CA  CB   sing N N 198 
LYS CA  HA   sing N N 199 
LYS C   O    doub N N 200 
LYS C   OXT  sing N N 201 
LYS CB  CG   sing N N 202 
LYS CB  HB2  sing N N 203 
LYS CB  HB3  sing N N 204 
LYS CG  CD   sing N N 205 
LYS CG  HG2  sing N N 206 
LYS CG  HG3  sing N N 207 
LYS CD  CE   sing N N 208 
LYS CD  HD2  sing N N 209 
LYS CD  HD3  sing N N 210 
LYS CE  NZ   sing N N 211 
LYS CE  HE2  sing N N 212 
LYS CE  HE3  sing N N 213 
LYS NZ  HZ1  sing N N 214 
LYS NZ  HZ2  sing N N 215 
LYS NZ  HZ3  sing N N 216 
LYS OXT HXT  sing N N 217 
MET N   CA   sing N N 218 
MET N   H    sing N N 219 
MET N   H2   sing N N 220 
MET CA  C    sing N N 221 
MET CA  CB   sing N N 222 
MET CA  HA   sing N N 223 
MET C   O    doub N N 224 
MET C   OXT  sing N N 225 
MET CB  CG   sing N N 226 
MET CB  HB2  sing N N 227 
MET CB  HB3  sing N N 228 
MET CG  SD   sing N N 229 
MET CG  HG2  sing N N 230 
MET CG  HG3  sing N N 231 
MET SD  CE   sing N N 232 
MET CE  HE1  sing N N 233 
MET CE  HE2  sing N N 234 
MET CE  HE3  sing N N 235 
MET OXT HXT  sing N N 236 
PHE N   CA   sing N N 237 
PHE N   H    sing N N 238 
PHE N   H2   sing N N 239 
PHE CA  C    sing N N 240 
PHE CA  CB   sing N N 241 
PHE CA  HA   sing N N 242 
PHE C   O    doub N N 243 
PHE C   OXT  sing N N 244 
PHE CB  CG   sing N N 245 
PHE CB  HB2  sing N N 246 
PHE CB  HB3  sing N N 247 
PHE CG  CD1  doub Y N 248 
PHE CG  CD2  sing Y N 249 
PHE CD1 CE1  sing Y N 250 
PHE CD1 HD1  sing N N 251 
PHE CD2 CE2  doub Y N 252 
PHE CD2 HD2  sing N N 253 
PHE CE1 CZ   doub Y N 254 
PHE CE1 HE1  sing N N 255 
PHE CE2 CZ   sing Y N 256 
PHE CE2 HE2  sing N N 257 
PHE CZ  HZ   sing N N 258 
PHE OXT HXT  sing N N 259 
PRO N   CA   sing N N 260 
PRO N   CD   sing N N 261 
PRO N   H    sing N N 262 
PRO CA  C    sing N N 263 
PRO CA  CB   sing N N 264 
PRO CA  HA   sing N N 265 
PRO C   O    doub N N 266 
PRO C   OXT  sing N N 267 
PRO CB  CG   sing N N 268 
PRO CB  HB2  sing N N 269 
PRO CB  HB3  sing N N 270 
PRO CG  CD   sing N N 271 
PRO CG  HG2  sing N N 272 
PRO CG  HG3  sing N N 273 
PRO CD  HD2  sing N N 274 
PRO CD  HD3  sing N N 275 
PRO OXT HXT  sing N N 276 
SER N   CA   sing N N 277 
SER N   H    sing N N 278 
SER N   H2   sing N N 279 
SER CA  C    sing N N 280 
SER CA  CB   sing N N 281 
SER CA  HA   sing N N 282 
SER C   O    doub N N 283 
SER C   OXT  sing N N 284 
SER CB  OG   sing N N 285 
SER CB  HB2  sing N N 286 
SER CB  HB3  sing N N 287 
SER OG  HG   sing N N 288 
SER OXT HXT  sing N N 289 
THR N   CA   sing N N 290 
THR N   H    sing N N 291 
THR N   H2   sing N N 292 
THR CA  C    sing N N 293 
THR CA  CB   sing N N 294 
THR CA  HA   sing N N 295 
THR C   O    doub N N 296 
THR C   OXT  sing N N 297 
THR CB  OG1  sing N N 298 
THR CB  CG2  sing N N 299 
THR CB  HB   sing N N 300 
THR OG1 HG1  sing N N 301 
THR CG2 HG21 sing N N 302 
THR CG2 HG22 sing N N 303 
THR CG2 HG23 sing N N 304 
THR OXT HXT  sing N N 305 
TRP N   CA   sing N N 306 
TRP N   H    sing N N 307 
TRP N   H2   sing N N 308 
TRP CA  C    sing N N 309 
TRP CA  CB   sing N N 310 
TRP CA  HA   sing N N 311 
TRP C   O    doub N N 312 
TRP C   OXT  sing N N 313 
TRP CB  CG   sing N N 314 
TRP CB  HB2  sing N N 315 
TRP CB  HB3  sing N N 316 
TRP CG  CD1  doub Y N 317 
TRP CG  CD2  sing Y N 318 
TRP CD1 NE1  sing Y N 319 
TRP CD1 HD1  sing N N 320 
TRP CD2 CE2  doub Y N 321 
TRP CD2 CE3  sing Y N 322 
TRP NE1 CE2  sing Y N 323 
TRP NE1 HE1  sing N N 324 
TRP CE2 CZ2  sing Y N 325 
TRP CE3 CZ3  doub Y N 326 
TRP CE3 HE3  sing N N 327 
TRP CZ2 CH2  doub Y N 328 
TRP CZ2 HZ2  sing N N 329 
TRP CZ3 CH2  sing Y N 330 
TRP CZ3 HZ3  sing N N 331 
TRP CH2 HH2  sing N N 332 
TRP OXT HXT  sing N N 333 
VAL N   CA   sing N N 334 
VAL N   H    sing N N 335 
VAL N   H2   sing N N 336 
VAL CA  C    sing N N 337 
VAL CA  CB   sing N N 338 
VAL CA  HA   sing N N 339 
VAL C   O    doub N N 340 
VAL C   OXT  sing N N 341 
VAL CB  CG1  sing N N 342 
VAL CB  CG2  sing N N 343 
VAL CB  HB   sing N N 344 
VAL CG1 HG11 sing N N 345 
VAL CG1 HG12 sing N N 346 
VAL CG1 HG13 sing N N 347 
VAL CG2 HG21 sing N N 348 
VAL CG2 HG22 sing N N 349 
VAL CG2 HG23 sing N N 350 
VAL OXT HXT  sing N N 351 
# 
_pdbx_initial_refinement_model.id               1 
_pdbx_initial_refinement_model.entity_id_list   ? 
_pdbx_initial_refinement_model.type             'experimental model' 
_pdbx_initial_refinement_model.source_name      PDB 
_pdbx_initial_refinement_model.accession_code   3RDZ 
_pdbx_initial_refinement_model.details          'PDB ENTRY 3RDZ' 
# 
_atom_sites.entry_id                    3RDY 
_atom_sites.fract_transf_matrix[1][1]   -0.01428370 
_atom_sites.fract_transf_matrix[1][2]   0.00562483 
_atom_sites.fract_transf_matrix[1][3]   -0.00436928 
_atom_sites.fract_transf_matrix[2][1]   -0.00615916 
_atom_sites.fract_transf_matrix[2][2]   -0.01467184 
_atom_sites.fract_transf_matrix[2][3]   0.00124712 
_atom_sites.fract_transf_matrix[3][1]   -0.00488182 
_atom_sites.fract_transf_matrix[3][2]   0.00382441 
_atom_sites.fract_transf_matrix[3][3]   0.02088264 
_atom_sites.fract_transf_vector[1]      0.358569 
_atom_sites.fract_transf_vector[2]      -0.089448 
_atom_sites.fract_transf_vector[3]      0.117966 
# 
loop_
_atom_type.symbol 
C 
N 
O 
S 
# 
loop_
_atom_site.group_PDB 
_atom_site.id 
_atom_site.type_symbol 
_atom_site.label_atom_id 
_atom_site.label_alt_id 
_atom_site.label_comp_id 
_atom_site.label_asym_id 
_atom_site.label_entity_id 
_atom_site.label_seq_id 
_atom_site.pdbx_PDB_ins_code 
_atom_site.Cartn_x 
_atom_site.Cartn_y 
_atom_site.Cartn_z 
_atom_site.occupancy 
_atom_site.B_iso_or_equiv 
_atom_site.pdbx_formal_charge 
_atom_site.auth_seq_id 
_atom_site.auth_comp_id 
_atom_site.auth_asym_id 
_atom_site.auth_atom_id 
_atom_site.pdbx_PDB_model_num 
ATOM   1   N N   . GLN A 1 13 ? -7.189  -16.848 -2.924  1.00 45.30 ? 3   GLN A N   1 
ATOM   2   C CA  . GLN A 1 13 ? -6.246  -16.687 -1.812  1.00 39.46 ? 3   GLN A CA  1 
ATOM   3   C C   . GLN A 1 13 ? -4.919  -16.133 -2.323  1.00 42.86 ? 3   GLN A C   1 
ATOM   4   O O   . GLN A 1 13 ? -4.311  -16.674 -3.250  1.00 44.81 ? 3   GLN A O   1 
ATOM   5   C CB  . GLN A 1 13 ? -6.016  -18.017 -1.074  1.00 42.53 ? 3   GLN A CB  1 
ATOM   6   N N   . CYS A 1 14 ? -4.458  -15.050 -1.714  1.00 36.33 ? 4   CYS A N   1 
ATOM   7   C CA  . CYS A 1 14 ? -3.251  -14.392 -2.190  1.00 31.46 ? 4   CYS A CA  1 
ATOM   8   C C   . CYS A 1 14 ? -2.028  -15.055 -1.624  1.00 34.16 ? 4   CYS A C   1 
ATOM   9   O O   . CYS A 1 14 ? -2.094  -15.640 -0.555  1.00 38.12 ? 4   CYS A O   1 
ATOM   10  C CB  . CYS A 1 14 ? -3.266  -12.934 -1.744  1.00 31.53 ? 4   CYS A CB  1 
ATOM   11  S SG  . CYS A 1 14 ? -4.748  -12.125 -2.298  1.00 29.88 ? 4   CYS A SG  1 
ATOM   12  N N   . SER A 1 15 ? -0.910  -14.931 -2.334  1.00 33.83 ? 5   SER A N   1 
ATOM   13  C CA  . SER A 1 15 ? 0.362   -15.427 -1.848  1.00 38.94 ? 5   SER A CA  1 
ATOM   14  C C   . SER A 1 15 ? 1.282   -14.281 -1.426  1.00 32.88 ? 5   SER A C   1 
ATOM   15  O O   . SER A 1 15 ? 1.189   -13.156 -1.938  1.00 32.57 ? 5   SER A O   1 
ATOM   16  C CB  . SER A 1 15 ? 1.056   -16.236 -2.938  1.00 39.48 ? 5   SER A CB  1 
ATOM   17  O OG  . SER A 1 15 ? 1.400   -15.366 -4.001  1.00 47.16 ? 5   SER A OG  1 
ATOM   18  N N   . GLY A 1 16 ? 2.169   -14.581 -0.489  1.00 31.69 ? 6   GLY A N   1 
ATOM   19  C CA  . GLY A 1 16 ? 3.213   -13.649 -0.113  1.00 32.41 ? 6   GLY A CA  1 
ATOM   20  C C   . GLY A 1 16 ? 2.742   -12.725 0.985   1.00 29.00 ? 6   GLY A C   1 
ATOM   21  O O   . GLY A 1 16 ? 1.664   -12.927 1.536   1.00 27.88 ? 6   GLY A O   1 
ATOM   22  N N   . LYS A 1 17 ? 3.564   -11.723 1.309   1.00 27.03 ? 7   LYS A N   1 
ATOM   23  C CA  . LYS A 1 17 ? 3.283   -10.831 2.427   1.00 27.20 ? 7   LYS A CA  1 
ATOM   24  C C   . LYS A 1 17 ? 2.031   -10.009 2.117   1.00 25.70 ? 7   LYS A C   1 
ATOM   25  O O   . LYS A 1 17 ? 1.902   -9.495  1.013   1.00 25.67 ? 7   LYS A O   1 
ATOM   26  C CB  . LYS A 1 17 ? 4.498   -9.917  2.674   1.00 26.73 ? 7   LYS A CB  1 
ATOM   27  C CG  . LYS A 1 17 ? 4.308   -8.915  3.834   1.00 28.40 ? 7   LYS A CG  1 
ATOM   28  C CD  . LYS A 1 17 ? 5.640   -8.305  4.209   1.00 28.62 ? 7   LYS A CD  1 
ATOM   29  C CE  . LYS A 1 17 ? 5.522   -7.317  5.356   1.00 26.00 ? 7   LYS A CE  1 
ATOM   30  N NZ  . LYS A 1 17 ? 6.871   -6.754  5.775   1.00 26.89 ? 7   LYS A NZ  1 
ATOM   31  N N   . GLN A 1 18 ? 1.124   -9.888  3.086   1.00 26.41 ? 8   GLN A N   1 
ATOM   32  C CA  . GLN A 1 18 ? -0.185  -9.259  2.834   1.00 24.24 ? 8   GLN A CA  1 
ATOM   33  C C   . GLN A 1 18 ? -0.398  -7.899  3.495   1.00 23.48 ? 8   GLN A C   1 
ATOM   34  O O   . GLN A 1 18 ? -1.388  -7.221  3.203   1.00 24.51 ? 8   GLN A O   1 
ATOM   35  C CB  . GLN A 1 18 ? -1.310  -10.195 3.303   1.00 25.70 ? 8   GLN A CB  1 
ATOM   36  C CG  . GLN A 1 18 ? -1.410  -11.520 2.515   1.00 28.66 ? 8   GLN A CG  1 
ATOM   37  C CD  . GLN A 1 18 ? -1.633  -11.292 1.025   1.00 26.98 ? 8   GLN A CD  1 
ATOM   38  O OE1 . GLN A 1 18 ? -0.737  -11.531 0.213   1.00 31.23 ? 8   GLN A OE1 1 
ATOM   39  N NE2 . GLN A 1 18 ? -2.816  -10.816 0.661   1.00 23.50 ? 8   GLN A NE2 1 
ATOM   40  N N   . GLU A 1 19 ? 0.466   -7.521  4.432   1.00 22.54 ? 9   GLU A N   1 
ATOM   41  C CA  . GLU A 1 19 ? 0.268   -6.240  5.131   1.00 23.10 ? 9   GLU A CA  1 
ATOM   42  C C   . GLU A 1 19 ? 1.571   -5.686  5.669   1.00 24.65 ? 9   GLU A C   1 
ATOM   43  O O   . GLU A 1 19 ? 2.505   -6.445  5.974   1.00 25.01 ? 9   GLU A O   1 
ATOM   44  C CB  . GLU A 1 19 ? -0.748  -6.391  6.278   1.00 28.23 ? 9   GLU A CB  1 
ATOM   45  C CG  . GLU A 1 19 ? -0.261  -7.269  7.401   1.00 28.35 ? 9   GLU A CG  1 
ATOM   46  C CD  . GLU A 1 19 ? -0.299  -8.744  7.048   1.00 34.50 ? 9   GLU A CD  1 
ATOM   47  O OE1 . GLU A 1 19 ? -1.348  -9.219  6.541   1.00 36.95 ? 9   GLU A OE1 1 
ATOM   48  O OE2 . GLU A 1 19 ? 0.721   -9.421  7.283   1.00 41.86 ? 9   GLU A OE2 1 
ATOM   49  N N   . TRP A 1 20 ? 1.621   -4.357  5.783   1.00 22.60 ? 10  TRP A N   1 
ATOM   50  C CA  . TRP A 1 20 ? 2.851   -3.631  6.102   1.00 23.52 ? 10  TRP A CA  1 
ATOM   51  C C   . TRP A 1 20 ? 2.596   -2.568  7.173   1.00 22.80 ? 10  TRP A C   1 
ATOM   52  O O   . TRP A 1 20 ? 2.764   -1.371  6.909   1.00 24.07 ? 10  TRP A O   1 
ATOM   53  C CB  . TRP A 1 20 ? 3.388   -2.944  4.832   1.00 24.72 ? 10  TRP A CB  1 
ATOM   54  C CG  . TRP A 1 20 ? 3.975   -3.898  3.794   1.00 27.61 ? 10  TRP A CG  1 
ATOM   55  C CD1 . TRP A 1 20 ? 5.302   -4.237  3.638   1.00 25.93 ? 10  TRP A CD1 1 
ATOM   56  C CD2 . TRP A 1 20 ? 3.258   -4.622  2.774   1.00 25.13 ? 10  TRP A CD2 1 
ATOM   57  N NE1 . TRP A 1 20 ? 5.443   -5.128  2.601   1.00 26.55 ? 10  TRP A NE1 1 
ATOM   58  C CE2 . TRP A 1 20 ? 4.215   -5.383  2.049   1.00 25.29 ? 10  TRP A CE2 1 
ATOM   59  C CE3 . TRP A 1 20 ? 1.905   -4.716  2.413   1.00 21.67 ? 10  TRP A CE3 1 
ATOM   60  C CZ2 . TRP A 1 20 ? 3.869   -6.211  0.965   1.00 23.59 ? 10  TRP A CZ2 1 
ATOM   61  C CZ3 . TRP A 1 20 ? 1.557   -5.532  1.326   1.00 23.44 ? 10  TRP A CZ3 1 
ATOM   62  C CH2 . TRP A 1 20 ? 2.540   -6.297  0.639   1.00 26.12 ? 10  TRP A CH2 1 
ATOM   63  N N   . PRO A 1 21 ? 2.201   -2.992  8.386   1.00 24.68 ? 11  PRO A N   1 
ATOM   64  C CA  . PRO A 1 21 ? 1.929   -2.043  9.476   1.00 24.49 ? 11  PRO A CA  1 
ATOM   65  C C   . PRO A 1 21 ? 3.187   -1.213  9.787   1.00 26.20 ? 11  PRO A C   1 
ATOM   66  O O   . PRO A 1 21 ? 3.102   -0.058  10.199  1.00 24.54 ? 11  PRO A O   1 
ATOM   67  C CB  . PRO A 1 21 ? 1.560   -2.976  10.654  1.00 26.81 ? 11  PRO A CB  1 
ATOM   68  C CG  . PRO A 1 21 ? 2.267   -4.309  10.304  1.00 27.70 ? 11  PRO A CG  1 
ATOM   69  C CD  . PRO A 1 21 ? 2.005   -4.394  8.817   1.00 26.70 ? 11  PRO A CD  1 
ATOM   70  N N   . GLU A 1 22 ? 4.350   -1.810  9.566   1.00 24.96 ? 12  GLU A N   1 
ATOM   71  C CA  . GLU A 1 22 ? 5.626   -1.152  9.834   1.00 26.79 ? 12  GLU A CA  1 
ATOM   72  C C   . GLU A 1 22 ? 5.897   0.052   8.925   1.00 26.10 ? 12  GLU A C   1 
ATOM   73  O O   . GLU A 1 22 ? 6.754   0.885   9.236   1.00 26.83 ? 12  GLU A O   1 
ATOM   74  C CB  . GLU A 1 22 ? 6.801   -2.148  9.765   1.00 28.56 ? 12  GLU A CB  1 
ATOM   75  C CG  . GLU A 1 22 ? 7.254   -2.552  8.361   1.00 28.38 ? 12  GLU A CG  1 
ATOM   76  C CD  . GLU A 1 22 ? 6.460   -3.721  7.765   1.00 29.00 ? 12  GLU A CD  1 
ATOM   77  O OE1 . GLU A 1 22 ? 6.928   -4.271  6.752   1.00 28.98 ? 12  GLU A OE1 1 
ATOM   78  O OE2 . GLU A 1 22 ? 5.382   -4.097  8.296   1.00 26.38 ? 12  GLU A OE2 1 
ATOM   79  N N   . LEU A 1 23 ? 5.167   0.146   7.812   1.00 22.74 ? 13  LEU A N   1 
ATOM   80  C CA  . LEU A 1 23 ? 5.376   1.261   6.878   1.00 23.38 ? 13  LEU A CA  1 
ATOM   81  C C   . LEU A 1 23 ? 4.548   2.519   7.170   1.00 23.23 ? 13  LEU A C   1 
ATOM   82  O O   . LEU A 1 23 ? 4.691   3.536   6.482   1.00 21.79 ? 13  LEU A O   1 
ATOM   83  C CB  . LEU A 1 23 ? 5.173   0.799   5.437   1.00 23.72 ? 13  LEU A CB  1 
ATOM   84  C CG  . LEU A 1 23 ? 6.409   0.295   4.660   1.00 35.11 ? 13  LEU A CG  1 
ATOM   85  C CD1 . LEU A 1 23 ? 7.646   -0.077  5.494   1.00 29.90 ? 13  LEU A CD1 1 
ATOM   86  C CD2 . LEU A 1 23 ? 6.079   -0.770  3.622   1.00 25.71 ? 13  LEU A CD2 1 
ATOM   87  N N   . VAL A 1 24 ? 3.669   2.448   8.163   1.00 22.25 ? 14  VAL A N   1 
ATOM   88  C CA  . VAL A 1 24 ? 2.927   3.639   8.564   1.00 23.40 ? 14  VAL A CA  1 
ATOM   89  C C   . VAL A 1 24 ? 3.970   4.600   9.156   1.00 23.34 ? 14  VAL A C   1 
ATOM   90  O O   . VAL A 1 24 ? 4.826   4.175   9.914   1.00 22.74 ? 14  VAL A O   1 
ATOM   91  C CB  . VAL A 1 24 ? 1.845   3.312   9.591   1.00 24.92 ? 14  VAL A CB  1 
ATOM   92  C CG1 . VAL A 1 24 ? 1.181   4.597   10.128  1.00 25.99 ? 14  VAL A CG1 1 
ATOM   93  C CG2 . VAL A 1 24 ? 0.796   2.383   8.959   1.00 26.72 ? 14  VAL A CG2 1 
ATOM   94  N N   . GLY A 1 25 ? 3.915   5.856   8.740   1.00 22.97 ? 15  GLY A N   1 
ATOM   95  C CA  . GLY A 1 25 ? 4.888   6.846   9.137   1.00 21.40 ? 15  GLY A CA  1 
ATOM   96  C C   . GLY A 1 25 ? 6.099   6.940   8.234   1.00 23.33 ? 15  GLY A C   1 
ATOM   97  O O   . GLY A 1 25 ? 7.013   7.692   8.554   1.00 26.35 ? 15  GLY A O   1 
ATOM   98  N N   . GLU A 1 26 ? 6.119   6.199   7.122   1.00 23.63 ? 16  GLU A N   1 
ATOM   99  C CA  . GLU A 1 26 ? 7.206   6.293   6.134   1.00 23.83 ? 16  GLU A CA  1 
ATOM   100 C C   . GLU A 1 26 ? 6.717   7.135   4.950   1.00 23.79 ? 16  GLU A C   1 
ATOM   101 O O   . GLU A 1 26 ? 5.525   7.165   4.655   1.00 21.35 ? 16  GLU A O   1 
ATOM   102 C CB  . GLU A 1 26 ? 7.626   4.893   5.616   1.00 23.11 ? 16  GLU A CB  1 
ATOM   103 C CG  . GLU A 1 26 ? 8.066   3.933   6.698   1.00 29.15 ? 16  GLU A CG  1 
ATOM   104 N N   . ARG A 1 27 ? 7.628   7.810   4.263   1.00 20.56 ? 17  ARG A N   1 
ATOM   105 C CA  . ARG A 1 27 ? 7.279   8.489   3.022   1.00 22.54 ? 17  ARG A CA  1 
ATOM   106 C C   . ARG A 1 27 ? 6.650   7.501   2.022   1.00 23.29 ? 17  ARG A C   1 
ATOM   107 O O   . ARG A 1 27 ? 7.141   6.377   1.854   1.00 23.37 ? 17  ARG A O   1 
ATOM   108 C CB  . ARG A 1 27 ? 8.531   9.127   2.389   1.00 27.01 ? 17  ARG A CB  1 
ATOM   109 C CG  . ARG A 1 27 ? 8.207   10.203  1.370   1.00 34.39 ? 17  ARG A CG  1 
ATOM   110 N N   . GLY A 1 28 ? 5.578   7.926   1.352   1.00 24.04 ? 18  GLY A N   1 
ATOM   111 C CA  . GLY A 1 28 ? 4.849   7.067   0.421   1.00 24.30 ? 18  GLY A CA  1 
ATOM   112 C C   . GLY A 1 28 ? 5.695   6.385   -0.637  1.00 25.59 ? 18  GLY A C   1 
ATOM   113 O O   . GLY A 1 28 ? 5.534   5.187   -0.888  1.00 22.89 ? 18  GLY A O   1 
ATOM   114 N N   . SER A 1 29 ? 6.604   7.141   -1.260  1.00 27.16 ? 19  SER A N   1 
ATOM   115 C CA  . SER A 1 29 ? 7.498   6.571   -2.280  1.00 28.89 ? 19  SER A CA  1 
ATOM   116 C C   . SER A 1 29 ? 8.417   5.473   -1.725  1.00 30.00 ? 19  SER A C   1 
ATOM   117 O O   . SER A 1 29 ? 8.637   4.438   -2.382  1.00 27.49 ? 19  SER A O   1 
ATOM   118 C CB  . SER A 1 29 ? 8.314   7.680   -2.969  1.00 34.27 ? 19  SER A CB  1 
ATOM   119 O OG  . SER A 1 29 ? 9.087   8.395   -2.021  1.00 37.06 ? 19  SER A OG  1 
ATOM   120 N N   . LYS A 1 30 ? 8.935   5.679   -0.516  1.00 26.16 ? 20  LYS A N   1 
ATOM   121 C CA  . LYS A 1 30 ? 9.798   4.685   0.124   1.00 27.05 ? 20  LYS A CA  1 
ATOM   122 C C   . LYS A 1 30 ? 9.002   3.419   0.439   1.00 27.38 ? 20  LYS A C   1 
ATOM   123 O O   . LYS A 1 30 ? 9.474   2.295   0.223   1.00 25.55 ? 20  LYS A O   1 
ATOM   124 C CB  . LYS A 1 30 ? 10.393  5.242   1.417   1.00 27.85 ? 20  LYS A CB  1 
ATOM   125 C CG  . LYS A 1 30 ? 11.122  4.204   2.267   1.00 33.04 ? 20  LYS A CG  1 
ATOM   126 C CD  . LYS A 1 30 ? 11.561  4.765   3.628   1.00 30.29 ? 20  LYS A CD  1 
ATOM   127 C CE  . LYS A 1 30 ? 12.613  3.851   4.273   1.00 33.65 ? 20  LYS A CE  1 
ATOM   128 N NZ  . LYS A 1 30 ? 12.795  4.154   5.721   1.00 35.37 ? 20  LYS A NZ  1 
ATOM   129 N N   . ALA A 1 31 ? 7.816   3.607   0.997   1.00 23.85 ? 21  ALA A N   1 
ATOM   130 C CA  . ALA A 1 31 ? 6.910   2.482   1.271   1.00 22.66 ? 21  ALA A CA  1 
ATOM   131 C C   . ALA A 1 31 ? 6.576   1.662   0.018   1.00 23.22 ? 21  ALA A C   1 
ATOM   132 O O   . ALA A 1 31 ? 6.636   0.426   0.045   1.00 23.85 ? 21  ALA A O   1 
ATOM   133 C CB  . ALA A 1 31 ? 5.623   2.992   1.956   1.00 22.79 ? 21  ALA A CB  1 
ATOM   134 N N   . ALA A 1 32 ? 6.224   2.348   -1.074  1.00 23.34 ? 22  ALA A N   1 
ATOM   135 C CA  . ALA A 1 32 ? 5.817   1.697   -2.329  1.00 22.97 ? 22  ALA A CA  1 
ATOM   136 C C   . ALA A 1 32 ? 6.933   0.788   -2.862  1.00 27.34 ? 22  ALA A C   1 
ATOM   137 O O   . ALA A 1 32 ? 6.698   -0.321  -3.338  1.00 27.90 ? 22  ALA A O   1 
ATOM   138 C CB  . ALA A 1 32 ? 5.431   2.777   -3.374  1.00 25.98 ? 22  ALA A CB  1 
ATOM   139 N N   . LYS A 1 33 ? 8.157   1.263   -2.758  1.00 22.62 ? 23  LYS A N   1 
ATOM   140 C CA  . LYS A 1 33 ? 9.296   0.506   -3.234  1.00 27.12 ? 23  LYS A CA  1 
ATOM   141 C C   . LYS A 1 33 ? 9.557   -0.734  -2.375  1.00 28.12 ? 23  LYS A C   1 
ATOM   142 O O   . LYS A 1 33 ? 9.849   -1.808  -2.914  1.00 26.85 ? 23  LYS A O   1 
ATOM   143 C CB  . LYS A 1 33 ? 10.522  1.428   -3.308  1.00 29.20 ? 23  LYS A CB  1 
ATOM   144 N N   . ILE A 1 34 ? 9.425   -0.600  -1.052  1.00 25.54 ? 24  ILE A N   1 
ATOM   145 C CA  . ILE A 1 34 ? 9.594   -1.722  -0.111  1.00 23.32 ? 24  ILE A CA  1 
ATOM   146 C C   . ILE A 1 34 ? 8.509   -2.758  -0.316  1.00 27.80 ? 24  ILE A C   1 
ATOM   147 O O   . ILE A 1 34 ? 8.758   -3.958  -0.327  1.00 26.84 ? 24  ILE A O   1 
ATOM   148 C CB  . ILE A 1 34 ? 9.610   -1.212  1.354   1.00 26.12 ? 24  ILE A CB  1 
ATOM   149 C CG1 . ILE A 1 34 ? 10.902  -0.408  1.611   1.00 28.50 ? 24  ILE A CG1 1 
ATOM   150 C CG2 . ILE A 1 34 ? 9.498   -2.380  2.381   1.00 24.83 ? 24  ILE A CG2 1 
ATOM   151 C CD1 . ILE A 1 34 ? 10.916  0.366   2.943   1.00 30.64 ? 24  ILE A CD1 1 
ATOM   152 N N   . ILE A 1 35 ? 7.283   -2.287  -0.488  1.00 23.53 ? 25  ILE A N   1 
ATOM   153 C CA  . ILE A 1 35 ? 6.162   -3.186  -0.676  1.00 25.82 ? 25  ILE A CA  1 
ATOM   154 C C   . ILE A 1 35 ? 6.391   -4.061  -1.914  1.00 23.58 ? 25  ILE A C   1 
ATOM   155 O O   . ILE A 1 35 ? 6.203   -5.283  -1.859  1.00 25.93 ? 25  ILE A O   1 
ATOM   156 C CB  . ILE A 1 35 ? 4.858   -2.378  -0.811  1.00 22.98 ? 25  ILE A CB  1 
ATOM   157 C CG1 . ILE A 1 35 ? 4.457   -1.834  0.576   1.00 21.85 ? 25  ILE A CG1 1 
ATOM   158 C CG2 . ILE A 1 35 ? 3.720   -3.256  -1.388  1.00 21.67 ? 25  ILE A CG2 1 
ATOM   159 C CD1 . ILE A 1 35 ? 3.497   -0.650  0.523   1.00 21.39 ? 25  ILE A CD1 1 
ATOM   160 N N   . GLU A 1 36 ? 6.790   -3.423  -3.015  1.00 24.36 ? 26  GLU A N   1 
ATOM   161 C CA  . GLU A 1 36 ? 6.953   -4.117  -4.296  1.00 26.79 ? 26  GLU A CA  1 
ATOM   162 C C   . GLU A 1 36 ? 8.157   -5.066  -4.292  1.00 29.07 ? 26  GLU A C   1 
ATOM   163 O O   . GLU A 1 36 ? 8.129   -6.113  -4.944  1.00 28.79 ? 26  GLU A O   1 
ATOM   164 C CB  . GLU A 1 36 ? 7.007   -3.115  -5.447  1.00 27.06 ? 26  GLU A CB  1 
ATOM   165 C CG  . GLU A 1 36 ? 5.623   -2.501  -5.758  1.00 26.52 ? 26  GLU A CG  1 
ATOM   166 C CD  . GLU A 1 36 ? 5.683   -1.440  -6.815  1.00 31.10 ? 26  GLU A CD  1 
ATOM   167 O OE1 . GLU A 1 36 ? 6.795   -1.163  -7.325  1.00 34.94 ? 26  GLU A OE1 1 
ATOM   168 O OE2 . GLU A 1 36 ? 4.620   -0.874  -7.132  1.00 28.35 ? 26  GLU A OE2 1 
ATOM   169 N N   . ASN A 1 37 ? 9.189   -4.717  -3.527  1.00 28.28 ? 27  ASN A N   1 
ATOM   170 C CA  . ASN A 1 37 ? 10.329  -5.605  -3.302  1.00 30.52 ? 27  ASN A CA  1 
ATOM   171 C C   . ASN A 1 37 ? 9.967   -6.821  -2.453  1.00 34.17 ? 27  ASN A C   1 
ATOM   172 O O   . ASN A 1 37 ? 10.467  -7.926  -2.698  1.00 31.34 ? 27  ASN A O   1 
ATOM   173 C CB  . ASN A 1 37 ? 11.465  -4.848  -2.614  1.00 31.51 ? 27  ASN A CB  1 
ATOM   174 C CG  . ASN A 1 37 ? 12.278  -3.998  -3.574  1.00 45.02 ? 27  ASN A CG  1 
ATOM   175 O OD1 . ASN A 1 37 ? 12.929  -3.027  -3.161  1.00 51.07 ? 27  ASN A OD1 1 
ATOM   176 N ND2 . ASN A 1 37 ? 12.255  -4.355  -4.858  1.00 46.76 ? 27  ASN A ND2 1 
ATOM   177 N N   . GLU A 1 38 ? 9.089   -6.625  -1.465  1.00 27.15 ? 28  GLU A N   1 
ATOM   178 C CA  . GLU A 1 38 ? 8.764   -7.670  -0.504  1.00 28.20 ? 28  GLU A CA  1 
ATOM   179 C C   . GLU A 1 38 ? 7.699   -8.619  -0.993  1.00 29.85 ? 28  GLU A C   1 
ATOM   180 O O   . GLU A 1 38 ? 7.597   -9.740  -0.499  1.00 30.53 ? 28  GLU A O   1 
ATOM   181 C CB  . GLU A 1 38 ? 8.346   -7.077  0.841   1.00 28.55 ? 28  GLU A CB  1 
ATOM   182 C CG  . GLU A 1 38 ? 9.508   -6.342  1.531   1.00 28.61 ? 28  GLU A CG  1 
ATOM   183 C CD  . GLU A 1 38 ? 9.184   -5.899  2.935   1.00 30.92 ? 28  GLU A CD  1 
ATOM   184 O OE1 . GLU A 1 38 ? 7.999   -5.933  3.303   1.00 29.58 ? 28  GLU A OE1 1 
ATOM   185 O OE2 . GLU A 1 38 ? 10.120  -5.526  3.678   1.00 31.45 ? 28  GLU A OE2 1 
ATOM   186 N N   . ASN A 1 39 ? 6.898   -8.163  -1.945  1.00 26.47 ? 29  ASN A N   1 
ATOM   187 C CA  . ASN A 1 39 ? 5.891   -9.018  -2.564  1.00 29.68 ? 29  ASN A CA  1 
ATOM   188 C C   . ASN A 1 39 ? 5.892   -8.736  -4.044  1.00 30.49 ? 29  ASN A C   1 
ATOM   189 O O   . ASN A 1 39 ? 5.329   -7.752  -4.514  1.00 30.03 ? 29  ASN A O   1 
ATOM   190 C CB  . ASN A 1 39 ? 4.500   -8.828  -1.929  1.00 29.24 ? 29  ASN A CB  1 
ATOM   191 C CG  . ASN A 1 39 ? 3.449   -9.765  -2.518  1.00 29.27 ? 29  ASN A CG  1 
ATOM   192 O OD1 . ASN A 1 39 ? 3.570   -10.200 -3.658  1.00 31.04 ? 29  ASN A OD1 1 
ATOM   193 N ND2 . ASN A 1 39 ? 2.402   -10.047 -1.758  1.00 28.93 ? 29  ASN A ND2 1 
ATOM   194 N N   . GLU A 1 40 ? 6.557   -9.614  -4.784  1.00 30.99 ? 30  GLU A N   1 
ATOM   195 C CA  . GLU A 1 40 ? 6.772   -9.433  -6.208  1.00 34.79 ? 30  GLU A CA  1 
ATOM   196 C C   . GLU A 1 40 ? 5.528   -9.567  -7.086  1.00 33.02 ? 30  GLU A C   1 
ATOM   197 O O   . GLU A 1 40 ? 5.588   -9.338  -8.298  1.00 37.30 ? 30  GLU A O   1 
ATOM   198 C CB  . GLU A 1 40 ? 7.872   -10.409 -6.671  1.00 38.18 ? 30  GLU A CB  1 
ATOM   199 C CG  . GLU A 1 40 ? 9.198   -10.216 -5.938  1.00 41.09 ? 30  GLU A CG  1 
ATOM   200 N N   . ASP A 1 41 ? 4.389   -9.887  -6.483  1.00 32.59 ? 31  ASP A N   1 
ATOM   201 C CA  . ASP A 1 41 ? 3.138   -9.979  -7.230  1.00 31.08 ? 31  ASP A CA  1 
ATOM   202 C C   . ASP A 1 41 ? 2.302   -8.707  -7.245  1.00 29.43 ? 31  ASP A C   1 
ATOM   203 O O   . ASP A 1 41 ? 1.286   -8.648  -7.933  1.00 31.46 ? 31  ASP A O   1 
ATOM   204 C CB  . ASP A 1 41 ? 2.263   -11.090 -6.671  1.00 34.23 ? 31  ASP A CB  1 
ATOM   205 C CG  . ASP A 1 41 ? 2.801   -12.464 -6.995  1.00 47.46 ? 31  ASP A CG  1 
ATOM   206 O OD1 . ASP A 1 41 ? 2.407   -13.424 -6.292  1.00 48.48 ? 31  ASP A OD1 1 
ATOM   207 O OD2 . ASP A 1 41 ? 3.618   -12.569 -7.937  1.00 45.76 ? 31  ASP A OD2 1 
ATOM   208 N N   . VAL A 1 42 ? 2.708   -7.689  -6.499  1.00 27.20 ? 32  VAL A N   1 
ATOM   209 C CA  . VAL A 1 42 ? 1.828   -6.551  -6.331  1.00 28.27 ? 32  VAL A CA  1 
ATOM   210 C C   . VAL A 1 42 ? 2.347   -5.240  -6.929  1.00 26.83 ? 32  VAL A C   1 
ATOM   211 O O   . VAL A 1 42 ? 3.553   -5.062  -7.156  1.00 28.28 ? 32  VAL A O   1 
ATOM   212 C CB  . VAL A 1 42 ? 1.479   -6.328  -4.842  1.00 26.29 ? 32  VAL A CB  1 
ATOM   213 C CG1 . VAL A 1 42 ? 1.036   -7.632  -4.208  1.00 25.93 ? 32  VAL A CG1 1 
ATOM   214 C CG2 . VAL A 1 42 ? 2.695   -5.737  -4.096  1.00 27.01 ? 32  VAL A CG2 1 
ATOM   215 N N   . ARG A 1 43 ? 1.395   -4.355  -7.222  1.00 25.91 ? 33  ARG A N   1 
ATOM   216 C CA  . ARG A 1 43 ? 1.675   -2.975  -7.563  1.00 27.55 ? 33  ARG A CA  1 
ATOM   217 C C   . ARG A 1 43 ? 1.162   -2.101  -6.435  1.00 25.72 ? 33  ARG A C   1 
ATOM   218 O O   . ARG A 1 43 ? -0.024  -2.165  -6.096  1.00 26.31 ? 33  ARG A O   1 
ATOM   219 C CB  . ARG A 1 43 ? 0.942   -2.594  -8.828  1.00 26.20 ? 33  ARG A CB  1 
ATOM   220 C CG  . ARG A 1 43 ? 1.448   -1.302  -9.420  1.00 31.33 ? 33  ARG A CG  1 
ATOM   221 C CD  . ARG A 1 43 ? 1.886   -1.639  -10.838 1.00 37.70 ? 33  ARG A CD  1 
ATOM   222 N NE  . ARG A 1 43 ? 0.908   -1.125  -11.728 1.00 35.17 ? 33  ARG A NE  1 
ATOM   223 C CZ  . ARG A 1 43 ? 0.694   -1.489  -12.977 1.00 30.63 ? 33  ARG A CZ  1 
ATOM   224 N NH1 . ARG A 1 43 ? 1.410   -2.429  -13.616 1.00 29.14 ? 33  ARG A NH1 1 
ATOM   225 N NH2 . ARG A 1 43 ? -0.267  -0.862  -13.590 1.00 27.11 ? 33  ARG A NH2 1 
ATOM   226 N N   . ALA A 1 44 ? 2.052   -1.286  -5.871  1.00 24.43 ? 34  ALA A N   1 
ATOM   227 C CA  . ALA A 1 44 ? 1.674   -0.314  -4.845  1.00 24.56 ? 34  ALA A CA  1 
ATOM   228 C C   . ALA A 1 44 ? 1.194   0.970   -5.530  1.00 25.97 ? 34  ALA A C   1 
ATOM   229 O O   . ALA A 1 44 ? 1.790   1.434   -6.512  1.00 26.75 ? 34  ALA A O   1 
ATOM   230 C CB  . ALA A 1 44 ? 2.863   -0.024  -3.947  1.00 23.07 ? 34  ALA A CB  1 
ATOM   231 N N   . ILE A 1 45 ? 0.113   1.551   -5.030  1.00 22.67 ? 35  ILE A N   1 
ATOM   232 C CA  . ILE A 1 45 ? -0.382  2.783   -5.620  1.00 21.78 ? 35  ILE A CA  1 
ATOM   233 C C   . ILE A 1 45 ? -0.543  3.808   -4.519  1.00 22.13 ? 35  ILE A C   1 
ATOM   234 O O   . ILE A 1 45 ? -1.345  3.605   -3.605  1.00 21.20 ? 35  ILE A O   1 
ATOM   235 C CB  . ILE A 1 45 ? -1.736  2.558   -6.319  1.00 23.94 ? 35  ILE A CB  1 
ATOM   236 C CG1 . ILE A 1 45 ? -1.617  1.446   -7.380  1.00 27.47 ? 35  ILE A CG1 1 
ATOM   237 C CG2 . ILE A 1 45 ? -2.222  3.870   -6.895  1.00 27.04 ? 35  ILE A CG2 1 
ATOM   238 C CD1 . ILE A 1 45 ? -2.945  1.048   -8.070  1.00 29.89 ? 35  ILE A CD1 1 
ATOM   239 N N   . VAL A 1 46 ? 0.226   4.895   -4.594  1.00 21.12 ? 36  VAL A N   1 
ATOM   240 C CA  . VAL A 1 46 ? 0.187   5.936   -3.565  1.00 23.48 ? 36  VAL A CA  1 
ATOM   241 C C   . VAL A 1 46 ? -0.911  6.955   -3.874  1.00 24.67 ? 36  VAL A C   1 
ATOM   242 O O   . VAL A 1 46 ? -0.929  7.547   -4.967  1.00 24.62 ? 36  VAL A O   1 
ATOM   243 C CB  . VAL A 1 46 ? 1.570   6.616   -3.451  1.00 23.37 ? 36  VAL A CB  1 
ATOM   244 C CG1 . VAL A 1 46 ? 1.604   7.658   -2.322  1.00 24.98 ? 36  VAL A CG1 1 
ATOM   245 C CG2 . VAL A 1 46 ? 2.653   5.548   -3.221  1.00 25.56 ? 36  VAL A CG2 1 
ATOM   246 N N   . LEU A 1 47 ? -1.825  7.142   -2.924  1.00 24.07 ? 37  LEU A N   1 
ATOM   247 C CA  . LEU A 1 47 ? -2.980  8.037   -3.080  1.00 23.33 ? 37  LEU A CA  1 
ATOM   248 C C   . LEU A 1 47 ? -3.193  8.804   -1.795  1.00 22.22 ? 37  LEU A C   1 
ATOM   249 O O   . LEU A 1 47 ? -2.873  8.308   -0.721  1.00 22.39 ? 37  LEU A O   1 
ATOM   250 C CB  . LEU A 1 47 ? -4.288  7.236   -3.271  1.00 28.66 ? 37  LEU A CB  1 
ATOM   251 C CG  . LEU A 1 47 ? -4.593  6.309   -4.428  1.00 35.16 ? 37  LEU A CG  1 
ATOM   252 C CD1 . LEU A 1 47 ? -6.042  5.898   -4.334  1.00 26.81 ? 37  LEU A CD1 1 
ATOM   253 C CD2 . LEU A 1 47 ? -4.309  7.009   -5.748  1.00 35.36 ? 37  LEU A CD2 1 
ATOM   254 N N   . PRO A 1 48 ? -3.819  9.988   -1.879  1.00 22.65 ? 38  PRO A N   1 
ATOM   255 C CA  . PRO A 1 48 ? -4.180  10.673  -0.630  1.00 24.45 ? 38  PRO A CA  1 
ATOM   256 C C   . PRO A 1 48 ? -5.143  9.874   0.248   1.00 23.36 ? 38  PRO A C   1 
ATOM   257 O O   . PRO A 1 48 ? -6.068  9.244   -0.255  1.00 22.60 ? 38  PRO A O   1 
ATOM   258 C CB  . PRO A 1 48 ? -4.848  11.963  -1.123  1.00 28.40 ? 38  PRO A CB  1 
ATOM   259 C CG  . PRO A 1 48 ? -4.198  12.207  -2.464  1.00 29.86 ? 38  PRO A CG  1 
ATOM   260 C CD  . PRO A 1 48 ? -4.049  10.834  -3.065  1.00 24.43 ? 38  PRO A CD  1 
ATOM   261 N N   . GLU A 1 49 ? -4.898  9.895   1.561   1.00 25.72 ? 39  GLU A N   1 
ATOM   262 C CA  . GLU A 1 49 ? -5.844  9.387   2.552   1.00 23.48 ? 39  GLU A CA  1 
ATOM   263 C C   . GLU A 1 49 ? -7.275  9.794   2.189   1.00 24.53 ? 39  GLU A C   1 
ATOM   264 O O   . GLU A 1 49 ? -7.528  10.938  1.833   1.00 23.62 ? 39  GLU A O   1 
ATOM   265 C CB  . GLU A 1 49 ? -5.478  9.963   3.911   1.00 27.30 ? 39  GLU A CB  1 
ATOM   266 C CG  . GLU A 1 49 ? -6.176  9.300   5.087   1.00 27.93 ? 39  GLU A CG  1 
ATOM   267 C CD  . GLU A 1 49 ? -5.935  10.086  6.390   1.00 32.66 ? 39  GLU A CD  1 
ATOM   268 O OE1 . GLU A 1 49 ? -5.363  11.208  6.326   1.00 33.95 ? 39  GLU A OE1 1 
ATOM   269 O OE2 . GLU A 1 49 ? -6.320  9.581   7.464   1.00 34.80 ? 39  GLU A OE2 1 
ATOM   270 N N   . GLY A 1 50 ? -8.203  8.856   2.259   1.00 23.13 ? 40  GLY A N   1 
ATOM   271 C CA  . GLY A 1 50 ? -9.591  9.193   2.011   1.00 26.93 ? 40  GLY A CA  1 
ATOM   272 C C   . GLY A 1 50 ? -10.019 9.072   0.562   1.00 27.40 ? 40  GLY A C   1 
ATOM   273 O O   . GLY A 1 50 ? -11.204 9.203   0.287   1.00 27.56 ? 40  GLY A O   1 
ATOM   274 N N   . SER A 1 51 ? -9.076  8.832   -0.358  1.00 24.37 ? 41  SER A N   1 
ATOM   275 C CA  . SER A 1 51 ? -9.382  8.730   -1.797  1.00 26.15 ? 41  SER A CA  1 
ATOM   276 C C   . SER A 1 51 ? -10.287 7.527   -2.054  1.00 26.58 ? 41  SER A C   1 
ATOM   277 O O   . SER A 1 51 ? -10.034 6.437   -1.530  1.00 25.87 ? 41  SER A O   1 
ATOM   278 C CB  . SER A 1 51 ? -8.100  8.591   -2.635  1.00 24.22 ? 41  SER A CB  1 
ATOM   279 O OG  . SER A 1 51 ? -7.291  9.753   -2.563  1.00 26.98 ? 41  SER A OG  1 
ATOM   280 N N   . ALA A 1 52 ? -11.351 7.735   -2.841  1.00 24.40 ? 42  ALA A N   1 
ATOM   281 C CA  . ALA A 1 52 ? -12.273 6.656   -3.216  1.00 23.25 ? 42  ALA A CA  1 
ATOM   282 C C   . ALA A 1 52 ? -11.576 5.623   -4.069  1.00 25.66 ? 42  ALA A C   1 
ATOM   283 O O   . ALA A 1 52 ? -10.883 5.974   -5.023  1.00 23.68 ? 42  ALA A O   1 
ATOM   284 C CB  . ALA A 1 52 ? -13.472 7.222   -3.986  1.00 25.29 ? 42  ALA A CB  1 
ATOM   285 N N   . VAL A 1 53 ? -11.778 4.350   -3.736  1.00 23.60 ? 43  VAL A N   1 
ATOM   286 C CA  . VAL A 1 53 ? -11.208 3.239   -4.501  1.00 22.23 ? 43  VAL A CA  1 
ATOM   287 C C   . VAL A 1 53 ? -12.311 2.248   -4.889  1.00 26.35 ? 43  VAL A C   1 
ATOM   288 O O   . VAL A 1 53 ? -13.339 2.167   -4.218  1.00 26.45 ? 43  VAL A O   1 
ATOM   289 C CB  . VAL A 1 53 ? -10.093 2.501   -3.695  1.00 26.18 ? 43  VAL A CB  1 
ATOM   290 C CG1 . VAL A 1 53 ? -8.916  3.448   -3.430  1.00 27.27 ? 43  VAL A CG1 1 
ATOM   291 C CG2 . VAL A 1 53 ? -10.644 1.923   -2.386  1.00 29.45 ? 43  VAL A CG2 1 
ATOM   292 N N   . PRO A 1 54 ? -12.097 1.473   -5.969  1.00 28.78 ? 44  PRO A N   1 
ATOM   293 C CA  . PRO A 1 54 ? -13.095 0.457   -6.347  1.00 28.10 ? 44  PRO A CA  1 
ATOM   294 C C   . PRO A 1 54 ? -13.275 -0.594  -5.267  1.00 30.76 ? 44  PRO A C   1 
ATOM   295 O O   . PRO A 1 54 ? -12.337 -0.931  -4.527  1.00 33.85 ? 44  PRO A O   1 
ATOM   296 C CB  . PRO A 1 54 ? -12.520 -0.173  -7.633  1.00 30.54 ? 44  PRO A CB  1 
ATOM   297 C CG  . PRO A 1 54 ? -11.361 0.635   -8.031  1.00 28.59 ? 44  PRO A CG  1 
ATOM   298 C CD  . PRO A 1 54 ? -10.917 1.476   -6.851  1.00 27.83 ? 44  PRO A CD  1 
ATOM   299 N N   . ARG A 1 55 ? -14.491 -1.106  -5.152  1.00 29.43 ? 45  ARG A N   1 
ATOM   300 C CA  . ARG A 1 55 ? -14.797 -2.071  -4.127  1.00 31.36 ? 45  ARG A CA  1 
ATOM   301 C C   . ARG A 1 55 ? -14.614 -3.515  -4.630  1.00 30.51 ? 45  ARG A C   1 
ATOM   302 O O   . ARG A 1 55 ? -15.470 -4.348  -4.410  1.00 34.56 ? 45  ARG A O   1 
ATOM   303 C CB  . ARG A 1 55 ? -16.230 -1.855  -3.613  1.00 37.59 ? 45  ARG A CB  1 
ATOM   304 C CG  . ARG A 1 55 ? -16.435 -0.543  -2.841  1.00 38.63 ? 45  ARG A CG  1 
ATOM   305 C CD  . ARG A 1 55 ? -17.898 -0.369  -2.381  1.00 39.75 ? 45  ARG A CD  1 
ATOM   306 N N   . ASP A 1 56 ? -13.537 -3.790  -5.357  1.00 33.59 ? 46  ASP A N   1 
ATOM   307 C CA  . ASP A 1 56 ? -13.201 -5.178  -5.704  1.00 32.99 ? 46  ASP A CA  1 
ATOM   308 C C   . ASP A 1 56 ? -12.007 -5.671  -4.899  1.00 30.47 ? 46  ASP A C   1 
ATOM   309 O O   . ASP A 1 56 ? -11.360 -4.891  -4.199  1.00 28.05 ? 46  ASP A O   1 
ATOM   310 C CB  . ASP A 1 56 ? -13.028 -5.397  -7.229  1.00 32.78 ? 46  ASP A CB  1 
ATOM   311 C CG  . ASP A 1 56 ? -12.038 -4.416  -7.894  1.00 38.49 ? 46  ASP A CG  1 
ATOM   312 O OD1 . ASP A 1 56 ? -12.123 -4.239  -9.128  1.00 43.55 ? 46  ASP A OD1 1 
ATOM   313 O OD2 . ASP A 1 56 ? -11.165 -3.823  -7.220  1.00 32.76 ? 46  ASP A OD2 1 
ATOM   314 N N   . LEU A 1 57 ? -11.749 -6.974  -4.951  1.00 29.26 ? 47  LEU A N   1 
ATOM   315 C CA  . LEU A 1 57 ? -10.638 -7.575  -4.216  1.00 26.99 ? 47  LEU A CA  1 
ATOM   316 C C   . LEU A 1 57 ? -9.635  -8.100  -5.209  1.00 27.75 ? 47  LEU A C   1 
ATOM   317 O O   . LEU A 1 57 ? -10.017 -8.823  -6.129  1.00 28.89 ? 47  LEU A O   1 
ATOM   318 C CB  . LEU A 1 57 ? -11.116 -8.775  -3.377  1.00 30.27 ? 47  LEU A CB  1 
ATOM   319 C CG  . LEU A 1 57 ? -11.838 -8.630  -2.059  1.00 31.81 ? 47  LEU A CG  1 
ATOM   320 C CD1 . LEU A 1 57 ? -12.177 -10.023 -1.546  1.00 30.64 ? 47  LEU A CD1 1 
ATOM   321 C CD2 . LEU A 1 57 ? -10.969 -7.898  -1.061  1.00 29.07 ? 47  LEU A CD2 1 
ATOM   322 N N   . ARG A 1 58 ? -8.357  -7.766  -5.015  1.00 25.57 ? 48  ARG A N   1 
ATOM   323 C CA  . ARG A 1 58 ? -7.293  -8.218  -5.890  1.00 26.41 ? 48  ARG A CA  1 
ATOM   324 C C   . ARG A 1 58 ? -6.128  -8.730  -5.079  1.00 26.75 ? 48  ARG A C   1 
ATOM   325 O O   . ARG A 1 58 ? -5.959  -8.352  -3.916  1.00 28.62 ? 48  ARG A O   1 
ATOM   326 C CB  . ARG A 1 58 ? -6.855  -7.071  -6.828  1.00 25.26 ? 48  ARG A CB  1 
ATOM   327 C CG  . ARG A 1 58 ? -7.986  -6.548  -7.740  1.00 27.45 ? 48  ARG A CG  1 
ATOM   328 C CD  . ARG A 1 58 ? -7.480  -5.470  -8.707  1.00 26.73 ? 48  ARG A CD  1 
ATOM   329 N NE  . ARG A 1 58 ? -6.439  -5.994  -9.611  1.00 28.99 ? 48  ARG A NE  1 
ATOM   330 C CZ  . ARG A 1 58 ? -6.427  -5.827  -10.936 1.00 28.46 ? 48  ARG A CZ  1 
ATOM   331 N NH1 . ARG A 1 58 ? -5.436  -6.324  -11.671 1.00 28.61 ? 48  ARG A NH1 1 
ATOM   332 N NH2 . ARG A 1 58 ? -7.398  -5.150  -11.525 1.00 28.23 ? 48  ARG A NH2 1 
ATOM   333 N N   . CYS A 1 59 ? -5.313  -9.592  -5.683  1.00 26.81 ? 49  CYS A N   1 
ATOM   334 C CA  . CYS A 1 59 ? -4.104  -10.077 -5.009  1.00 27.58 ? 49  CYS A CA  1 
ATOM   335 C C   . CYS A 1 59 ? -2.850  -9.370  -5.482  1.00 25.46 ? 49  CYS A C   1 
ATOM   336 O O   . CYS A 1 59 ? -1.775  -9.690  -5.028  1.00 27.23 ? 49  CYS A O   1 
ATOM   337 C CB  . CYS A 1 59 ? -3.928  -11.594 -5.213  1.00 30.23 ? 49  CYS A CB  1 
ATOM   338 S SG  . CYS A 1 59 ? -5.174  -12.534 -4.288  1.00 33.63 ? 49  CYS A SG  1 
ATOM   339 N N   . ASP A 1 60 ? -3.001  -8.403  -6.391  1.00 24.86 ? 50  ASP A N   1 
ATOM   340 C CA  . ASP A 1 60 ? -1.856  -7.770  -7.057  1.00 25.32 ? 50  ASP A CA  1 
ATOM   341 C C   . ASP A 1 60 ? -1.855  -6.248  -6.845  1.00 26.22 ? 50  ASP A C   1 
ATOM   342 O O   . ASP A 1 60 ? -1.229  -5.501  -7.599  1.00 25.48 ? 50  ASP A O   1 
ATOM   343 C CB  . ASP A 1 60 ? -1.871  -8.089  -8.571  1.00 25.36 ? 50  ASP A CB  1 
ATOM   344 C CG  . ASP A 1 60 ? -3.139  -7.603  -9.279  1.00 31.02 ? 50  ASP A CG  1 
ATOM   345 O OD1 . ASP A 1 60 ? -4.002  -6.974  -8.634  1.00 30.41 ? 50  ASP A OD1 1 
ATOM   346 O OD2 . ASP A 1 60 ? -3.296  -7.851  -10.503 1.00 30.39 ? 50  ASP A OD2 1 
ATOM   347 N N   . ARG A 1 61 ? -2.532  -5.790  -5.794  1.00 24.51 ? 51  ARG A N   1 
ATOM   348 C CA  . ARG A 1 61 ? -2.713  -4.343  -5.631  1.00 23.75 ? 51  ARG A CA  1 
ATOM   349 C C   . ARG A 1 61 ? -2.580  -3.987  -4.157  1.00 23.55 ? 51  ARG A C   1 
ATOM   350 O O   . ARG A 1 61 ? -3.159  -4.654  -3.317  1.00 23.04 ? 51  ARG A O   1 
ATOM   351 C CB  . ARG A 1 61 ? -4.107  -3.958  -6.117  1.00 22.46 ? 51  ARG A CB  1 
ATOM   352 C CG  . ARG A 1 61 ? -4.500  -2.474  -5.843  1.00 24.69 ? 51  ARG A CG  1 
ATOM   353 C CD  . ARG A 1 61 ? -5.872  -2.125  -6.436  1.00 23.54 ? 51  ARG A CD  1 
ATOM   354 N NE  . ARG A 1 61 ? -6.935  -2.829  -5.713  1.00 22.29 ? 51  ARG A NE  1 
ATOM   355 C CZ  . ARG A 1 61 ? -8.176  -3.003  -6.153  1.00 26.10 ? 51  ARG A CZ  1 
ATOM   356 N NH1 . ARG A 1 61 ? -9.046  -3.672  -5.408  1.00 25.07 ? 51  ARG A NH1 1 
ATOM   357 N NH2 . ARG A 1 61 ? -8.573  -2.468  -7.305  1.00 27.26 ? 51  ARG A NH2 1 
ATOM   358 N N   . VAL A 1 62 ? -1.846  -2.918  -3.866  1.00 22.77 ? 52  VAL A N   1 
ATOM   359 C CA  . VAL A 1 62 ? -1.701  -2.427  -2.502  1.00 20.93 ? 52  VAL A CA  1 
ATOM   360 C C   . VAL A 1 62 ? -1.906  -0.903  -2.523  1.00 20.80 ? 52  VAL A C   1 
ATOM   361 O O   . VAL A 1 62 ? -1.060  -0.164  -3.042  1.00 20.63 ? 52  VAL A O   1 
ATOM   362 C CB  . VAL A 1 62 ? -0.298  -2.723  -1.902  1.00 23.10 ? 52  VAL A CB  1 
ATOM   363 C CG1 . VAL A 1 62 ? -0.160  -2.083  -0.517  1.00 20.52 ? 52  VAL A CG1 1 
ATOM   364 C CG2 . VAL A 1 62 ? -0.024  -4.241  -1.767  1.00 24.81 ? 52  VAL A CG2 1 
ATOM   365 N N   . TRP A 1 63 ? -3.023  -0.441  -1.980  1.00 19.83 ? 53  TRP A N   1 
ATOM   366 C CA  . TRP A 1 63 ? -3.244  1.007   -1.839  1.00 22.04 ? 53  TRP A CA  1 
ATOM   367 C C   . TRP A 1 63 ? -2.329  1.523   -0.748  1.00 21.96 ? 53  TRP A C   1 
ATOM   368 O O   . TRP A 1 63 ? -2.243  0.935   0.330   1.00 23.54 ? 53  TRP A O   1 
ATOM   369 C CB  . TRP A 1 63 ? -4.691  1.322   -1.436  1.00 22.95 ? 53  TRP A CB  1 
ATOM   370 C CG  . TRP A 1 63 ? -5.736  0.854   -2.402  1.00 22.13 ? 53  TRP A CG  1 
ATOM   371 C CD1 . TRP A 1 63 ? -6.706  -0.084  -2.169  1.00 22.75 ? 53  TRP A CD1 1 
ATOM   372 C CD2 . TRP A 1 63 ? -5.904  1.281   -3.759  1.00 23.78 ? 53  TRP A CD2 1 
ATOM   373 N NE1 . TRP A 1 63 ? -7.474  -0.260  -3.299  1.00 26.76 ? 53  TRP A NE1 1 
ATOM   374 C CE2 . TRP A 1 63 ? -7.010  0.571   -4.286  1.00 24.39 ? 53  TRP A CE2 1 
ATOM   375 C CE3 . TRP A 1 63 ? -5.246  2.216   -4.570  1.00 27.29 ? 53  TRP A CE3 1 
ATOM   376 C CZ2 . TRP A 1 63 ? -7.456  0.753   -5.602  1.00 25.63 ? 53  TRP A CZ2 1 
ATOM   377 C CZ3 . TRP A 1 63 ? -5.693  2.392   -5.876  1.00 28.14 ? 53  TRP A CZ3 1 
ATOM   378 C CH2 . TRP A 1 63 ? -6.794  1.666   -6.370  1.00 27.61 ? 53  TRP A CH2 1 
ATOM   379 N N   . VAL A 1 64 ? -1.679  2.645   -1.015  1.00 21.59 ? 54  VAL A N   1 
ATOM   380 C CA  . VAL A 1 64 ? -0.770  3.264   -0.062  1.00 20.79 ? 54  VAL A CA  1 
ATOM   381 C C   . VAL A 1 64 ? -1.281  4.671   0.226   1.00 21.65 ? 54  VAL A C   1 
ATOM   382 O O   . VAL A 1 64 ? -1.056  5.599   -0.559  1.00 22.89 ? 54  VAL A O   1 
ATOM   383 C CB  . VAL A 1 64 ? 0.703   3.254   -0.614  1.00 22.38 ? 54  VAL A CB  1 
ATOM   384 C CG1 . VAL A 1 64 ? 1.675   3.991   0.320   1.00 20.48 ? 54  VAL A CG1 1 
ATOM   385 C CG2 . VAL A 1 64 ? 1.180   1.797   -0.827  1.00 20.29 ? 54  VAL A CG2 1 
ATOM   386 N N   . PHE A 1 65 ? -2.011  4.809   1.332   1.00 21.99 ? 55  PHE A N   1 
ATOM   387 C CA  . PHE A 1 65 ? -2.711  6.064   1.625   1.00 20.53 ? 55  PHE A CA  1 
ATOM   388 C C   . PHE A 1 65 ? -1.820  6.991   2.432   1.00 22.01 ? 55  PHE A C   1 
ATOM   389 O O   . PHE A 1 65 ? -1.327  6.609   3.503   1.00 23.01 ? 55  PHE A O   1 
ATOM   390 C CB  . PHE A 1 65 ? -3.972  5.794   2.417   1.00 21.23 ? 55  PHE A CB  1 
ATOM   391 C CG  . PHE A 1 65 ? -5.049  5.120   1.636   1.00 21.34 ? 55  PHE A CG  1 
ATOM   392 C CD1 . PHE A 1 65 ? -5.687  5.790   0.595   1.00 23.42 ? 55  PHE A CD1 1 
ATOM   393 C CD2 . PHE A 1 65 ? -5.431  3.814   1.943   1.00 23.82 ? 55  PHE A CD2 1 
ATOM   394 C CE1 . PHE A 1 65 ? -6.689  5.158   -0.127  1.00 23.83 ? 55  PHE A CE1 1 
ATOM   395 C CE2 . PHE A 1 65 ? -6.420  3.181   1.224   1.00 27.56 ? 55  PHE A CE2 1 
ATOM   396 C CZ  . PHE A 1 65 ? -7.049  3.855   0.198   1.00 25.87 ? 55  PHE A CZ  1 
ATOM   397 N N   . VAL A 1 66 ? -1.659  8.215   1.940   1.00 21.95 ? 56  VAL A N   1 
ATOM   398 C CA  . VAL A 1 66 ? -0.756  9.174   2.568   1.00 22.19 ? 56  VAL A CA  1 
ATOM   399 C C   . VAL A 1 66 ? -1.458  10.455  3.023   1.00 23.68 ? 56  VAL A C   1 
ATOM   400 O O   . VAL A 1 66 ? -2.488  10.870  2.460   1.00 22.74 ? 56  VAL A O   1 
ATOM   401 C CB  . VAL A 1 66 ? 0.430   9.527   1.609   1.00 21.14 ? 56  VAL A CB  1 
ATOM   402 C CG1 . VAL A 1 66 ? 1.322   8.274   1.359   1.00 22.55 ? 56  VAL A CG1 1 
ATOM   403 C CG2 . VAL A 1 66 ? -0.100  10.097  0.278   1.00 24.67 ? 56  VAL A CG2 1 
ATOM   404 N N   . ASP A 1 67 ? -0.882  11.102  4.031   1.00 24.05 ? 57  ASP A N   1 
ATOM   405 C CA  . ASP A 1 67 ? -1.410  12.389  4.486   1.00 25.77 ? 57  ASP A CA  1 
ATOM   406 C C   . ASP A 1 67 ? -0.925  13.519  3.588   1.00 26.93 ? 57  ASP A C   1 
ATOM   407 O O   . ASP A 1 67 ? -0.257  13.283  2.564   1.00 26.06 ? 57  ASP A O   1 
ATOM   408 C CB  . ASP A 1 67 ? -1.039  12.647  5.958   1.00 26.81 ? 57  ASP A CB  1 
ATOM   409 C CG  . ASP A 1 67 ? 0.472   12.765  6.182   1.00 28.20 ? 57  ASP A CG  1 
ATOM   410 O OD1 . ASP A 1 67 ? 1.230   13.036  5.230   1.00 25.96 ? 57  ASP A OD1 1 
ATOM   411 O OD2 . ASP A 1 67 ? 0.915   12.583  7.325   1.00 30.03 ? 57  ASP A OD2 1 
ATOM   412 N N   . GLU A 1 68 ? -1.233  14.760  3.964   1.00 26.82 ? 58  GLU A N   1 
ATOM   413 C CA  . GLU A 1 68 ? -0.925  15.877  3.076   1.00 30.57 ? 58  GLU A CA  1 
ATOM   414 C C   . GLU A 1 68 ? 0.570   16.148  2.975   1.00 32.33 ? 58  GLU A C   1 
ATOM   415 O O   . GLU A 1 68 ? 1.017   16.828  2.051   1.00 31.66 ? 58  GLU A O   1 
ATOM   416 C CB  . GLU A 1 68 ? -1.704  17.142  3.481   1.00 34.06 ? 58  GLU A CB  1 
ATOM   417 C CG  . GLU A 1 68 ? -3.163  17.129  3.018   1.00 38.23 ? 58  GLU A CG  1 
ATOM   418 N N   . ARG A 1 69 ? 1.332   15.571  3.901   1.00 28.89 ? 59  ARG A N   1 
ATOM   419 C CA  . ARG A 1 69 ? 2.783   15.647  3.873   1.00 29.29 ? 59  ARG A CA  1 
ATOM   420 C C   . ARG A 1 69 ? 3.440   14.480  3.090   1.00 28.65 ? 59  ARG A C   1 
ATOM   421 O O   . ARG A 1 69 ? 4.658   14.388  3.020   1.00 27.35 ? 59  ARG A O   1 
ATOM   422 C CB  . ARG A 1 69 ? 3.305   15.703  5.324   1.00 30.29 ? 59  ARG A CB  1 
ATOM   423 C CG  . ARG A 1 69 ? 2.960   16.984  6.051   1.00 37.13 ? 59  ARG A CG  1 
ATOM   424 C CD  . ARG A 1 69 ? 2.984   16.787  7.569   1.00 42.05 ? 59  ARG A CD  1 
ATOM   425 N N   . GLY A 1 70 ? 2.634   13.599  2.501   1.00 27.59 ? 60  GLY A N   1 
ATOM   426 C CA  . GLY A 1 70 ? 3.144   12.504  1.683   1.00 26.80 ? 60  GLY A CA  1 
ATOM   427 C C   . GLY A 1 70 ? 3.568   11.284  2.486   1.00 23.77 ? 60  GLY A C   1 
ATOM   428 O O   . GLY A 1 70 ? 4.263   10.393  1.976   1.00 23.52 ? 60  GLY A O   1 
ATOM   429 N N   . VAL A 1 71 ? 3.161   11.246  3.751   1.00 22.24 ? 61  VAL A N   1 
ATOM   430 C CA  . VAL A 1 71 ? 3.552   10.152  4.633   1.00 23.71 ? 61  VAL A CA  1 
ATOM   431 C C   . VAL A 1 71 ? 2.417   9.134   4.802   1.00 22.53 ? 61  VAL A C   1 
ATOM   432 O O   . VAL A 1 71 ? 1.247   9.510   4.969   1.00 22.02 ? 61  VAL A O   1 
ATOM   433 C CB  . VAL A 1 71 ? 4.012   10.684  5.991   1.00 24.65 ? 61  VAL A CB  1 
ATOM   434 C CG1 . VAL A 1 71 ? 4.227   9.521   6.994   1.00 24.78 ? 61  VAL A CG1 1 
ATOM   435 C CG2 . VAL A 1 71 ? 5.318   11.537  5.802   1.00 24.72 ? 61  VAL A CG2 1 
ATOM   436 N N   . VAL A 1 72 ? 2.771   7.854   4.800   1.00 20.83 ? 62  VAL A N   1 
ATOM   437 C CA  . VAL A 1 72 ? 1.774   6.781   4.945   1.00 20.88 ? 62  VAL A CA  1 
ATOM   438 C C   . VAL A 1 72 ? 1.018   6.878   6.276   1.00 22.94 ? 62  VAL A C   1 
ATOM   439 O O   . VAL A 1 72 ? 1.626   6.923   7.351   1.00 22.83 ? 62  VAL A O   1 
ATOM   440 C CB  . VAL A 1 72 ? 2.432   5.385   4.828   1.00 21.75 ? 62  VAL A CB  1 
ATOM   441 C CG1 . VAL A 1 72 ? 1.397   4.273   4.990   1.00 20.56 ? 62  VAL A CG1 1 
ATOM   442 C CG2 . VAL A 1 72 ? 3.195   5.254   3.494   1.00 23.10 ? 62  VAL A CG2 1 
ATOM   443 N N   . VAL A 1 73 ? -0.316  6.904   6.204   1.00 21.97 ? 63  VAL A N   1 
ATOM   444 C CA  . VAL A 1 73 ? -1.110  7.018   7.427   1.00 23.14 ? 63  VAL A CA  1 
ATOM   445 C C   . VAL A 1 73 ? -2.031  5.842   7.688   1.00 25.47 ? 63  VAL A C   1 
ATOM   446 O O   . VAL A 1 73 ? -2.524  5.705   8.805   1.00 25.93 ? 63  VAL A O   1 
ATOM   447 C CB  . VAL A 1 73 ? -1.992  8.296   7.440   1.00 25.72 ? 63  VAL A CB  1 
ATOM   448 C CG1 . VAL A 1 73 ? -1.133  9.512   7.652   1.00 31.29 ? 63  VAL A CG1 1 
ATOM   449 C CG2 . VAL A 1 73 ? -2.801  8.381   6.166   1.00 25.96 ? 63  VAL A CG2 1 
ATOM   450 N N   . ASP A 1 74 ? -2.310  5.030   6.665   1.00 24.06 ? 64  ASP A N   1 
ATOM   451 C CA  . ASP A 1 74 ? -3.060  3.785   6.848   1.00 23.23 ? 64  ASP A CA  1 
ATOM   452 C C   . ASP A 1 74 ? -2.145  2.602   6.572   1.00 23.75 ? 64  ASP A C   1 
ATOM   453 O O   . ASP A 1 74 ? -1.265  2.689   5.719   1.00 23.06 ? 64  ASP A O   1 
ATOM   454 C CB  . ASP A 1 74 ? -4.240  3.700   5.874   1.00 22.94 ? 64  ASP A CB  1 
ATOM   455 C CG  . ASP A 1 74 ? -5.265  4.782   6.113   1.00 28.73 ? 64  ASP A CG  1 
ATOM   456 O OD1 . ASP A 1 74 ? -5.900  5.252   5.147   1.00 27.32 ? 64  ASP A OD1 1 
ATOM   457 O OD2 . ASP A 1 74 ? -5.434  5.162   7.278   1.00 27.72 ? 64  ASP A OD2 1 
ATOM   458 N N   . THR A 1 75 ? -2.373  1.493   7.266   1.00 23.91 ? 65  THR A N   1 
ATOM   459 C CA  . THR A 1 75 ? -1.591  0.277   7.020   1.00 24.74 ? 65  THR A CA  1 
ATOM   460 C C   . THR A 1 75 ? -1.799  -0.228  5.592   1.00 21.90 ? 65  THR A C   1 
ATOM   461 O O   . THR A 1 75 ? -2.928  -0.594  5.227   1.00 22.33 ? 65  THR A O   1 
ATOM   462 C CB  . THR A 1 75 ? -1.996  -0.861  7.977   1.00 24.85 ? 65  THR A CB  1 
ATOM   463 O OG1 . THR A 1 75 ? -1.744  -0.455  9.328   1.00 26.14 ? 65  THR A OG1 1 
ATOM   464 C CG2 . THR A 1 75 ? -1.155  -2.128  7.658   1.00 24.67 ? 65  THR A CG2 1 
ATOM   465 N N   . PRO A 1 76 ? -0.721  -0.264  4.772   1.00 20.67 ? 66  PRO A N   1 
ATOM   466 C CA  . PRO A 1 76 ? -0.920  -0.806  3.418   1.00 22.42 ? 66  PRO A CA  1 
ATOM   467 C C   . PRO A 1 76 ? -1.191  -2.320  3.487   1.00 21.55 ? 66  PRO A C   1 
ATOM   468 O O   . PRO A 1 76 ? -0.524  -3.040  4.246   1.00 22.55 ? 66  PRO A O   1 
ATOM   469 C CB  . PRO A 1 76 ? 0.411   -0.502  2.702   1.00 19.78 ? 66  PRO A CB  1 
ATOM   470 C CG  . PRO A 1 76 ? 1.039   0.631   3.510   1.00 21.34 ? 66  PRO A CG  1 
ATOM   471 C CD  . PRO A 1 76 ? 0.615   0.347   4.943   1.00 23.83 ? 66  PRO A CD  1 
ATOM   472 N N   . VAL A 1 77 ? -2.174  -2.776  2.717   1.00 22.15 ? 67  VAL A N   1 
ATOM   473 C CA  . VAL A 1 77 ? -2.520  -4.188  2.652   1.00 21.69 ? 67  VAL A CA  1 
ATOM   474 C C   . VAL A 1 77 ? -2.803  -4.593  1.205   1.00 21.99 ? 67  VAL A C   1 
ATOM   475 O O   . VAL A 1 77 ? -3.125  -3.759  0.363   1.00 21.65 ? 67  VAL A O   1 
ATOM   476 C CB  . VAL A 1 77 ? -3.745  -4.535  3.538   1.00 24.11 ? 67  VAL A CB  1 
ATOM   477 C CG1 . VAL A 1 77 ? -3.476  -4.159  5.038   1.00 23.46 ? 67  VAL A CG1 1 
ATOM   478 C CG2 . VAL A 1 77 ? -4.982  -3.871  3.005   1.00 24.12 ? 67  VAL A CG2 1 
ATOM   479 N N   . VAL A 1 78 ? -2.658  -5.872  0.905   1.00 22.88 ? 68  VAL A N   1 
ATOM   480 C CA  . VAL A 1 78 ? -3.045  -6.357  -0.418  1.00 22.26 ? 68  VAL A CA  1 
ATOM   481 C C   . VAL A 1 78 ? -4.562  -6.438  -0.475  1.00 23.98 ? 68  VAL A C   1 
ATOM   482 O O   . VAL A 1 78 ? -5.186  -7.145  0.308   1.00 23.72 ? 68  VAL A O   1 
ATOM   483 C CB  . VAL A 1 78 ? -2.437  -7.729  -0.730  1.00 25.67 ? 68  VAL A CB  1 
ATOM   484 C CG1 . VAL A 1 78 ? -2.916  -8.210  -2.080  1.00 25.96 ? 68  VAL A CG1 1 
ATOM   485 C CG2 . VAL A 1 78 ? -0.897  -7.647  -0.702  1.00 26.51 ? 68  VAL A CG2 1 
ATOM   486 N N   . MET A 1 79 ? -5.161  -5.692  -1.398  1.00 26.27 ? 69  MET A N   1 
ATOM   487 C CA  . MET A 1 79 ? -6.611  -5.674  -1.524  1.00 25.60 ? 69  MET A CA  1 
ATOM   488 C C   . MET A 1 79 ? -6.977  -4.956  -2.802  1.00 25.41 ? 69  MET A C   1 
ATOM   489 O O   . MET A 1 79 ? -6.347  -3.936  -3.129  1.00 25.00 ? 69  MET A O   1 
ATOM   490 C CB  . MET A 1 79 ? -7.263  -4.977  -0.320  1.00 21.80 ? 69  MET A CB  1 
ATOM   491 C CG  . MET A 1 79 ? -8.766  -4.790  -0.497  1.00 28.85 ? 69  MET A CG  1 
ATOM   492 S SD  . MET A 1 79 ? -9.639  -4.463  1.038   1.00 31.35 ? 69  MET A SD  1 
ATOM   493 C CE  . MET A 1 79 ? -9.488  -6.085  1.786   1.00 31.62 ? 69  MET A CE  1 
ATOM   494 O OXT . MET A 1 79 ? -7.905  -5.357  -3.507  1.00 26.04 ? 69  MET A OXT 1 
HETATM 495 O O   . HOH B 2 .  ? 2.808   -17.524 1.124   1.00 47.47 ? 70  HOH A O   1 
HETATM 496 O O   . HOH B 2 .  ? -2.234  2.524   3.076   1.00 24.24 ? 71  HOH A O   1 
HETATM 497 O O   . HOH B 2 .  ? 5.115   -3.576  -9.086  1.00 36.24 ? 72  HOH A O   1 
HETATM 498 O O   . HOH B 2 .  ? -9.864  -3.490  -10.382 1.00 34.44 ? 73  HOH A O   1 
HETATM 499 O O   . HOH B 2 .  ? 7.493   2.152   -6.651  1.00 42.10 ? 74  HOH A O   1 
HETATM 500 O O   . HOH B 2 .  ? -4.924  -2.419  -1.190  1.00 24.05 ? 75  HOH A O   1 
HETATM 501 O O   . HOH B 2 .  ? -7.526  -0.339  -9.093  1.00 32.33 ? 76  HOH A O   1 
HETATM 502 O O   . HOH B 2 .  ? 3.566   13.230  9.035   1.00 39.59 ? 77  HOH A O   1 
HETATM 503 O O   . HOH B 2 .  ? -10.040 -1.767  -3.489  1.00 27.38 ? 78  HOH A O   1 
HETATM 504 O O   . HOH B 2 .  ? -6.161  -0.481  3.218   1.00 38.72 ? 79  HOH A O   1 
HETATM 505 O O   . HOH B 2 .  ? -3.955  -0.870  1.372   1.00 23.01 ? 80  HOH A O   1 
HETATM 506 O O   . HOH B 2 .  ? 8.280   4.411   -5.070  1.00 39.60 ? 81  HOH A O   1 
HETATM 507 O O   . HOH B 2 .  ? 4.637   -3.534  12.884  1.00 49.88 ? 82  HOH A O   1 
HETATM 508 O O   . HOH B 2 .  ? -12.000 10.424  -3.553  1.00 28.95 ? 83  HOH A O   1 
HETATM 509 O O   . HOH B 2 .  ? -5.056  9.560   9.678   1.00 44.15 ? 84  HOH A O   1 
HETATM 510 O O   . HOH B 2 .  ? -12.127 11.880  -0.991  1.00 44.23 ? 85  HOH A O   1 
HETATM 511 O O   . HOH B 2 .  ? 10.227  -5.693  7.968   1.00 49.01 ? 86  HOH A O   1 
HETATM 512 O O   . HOH B 2 .  ? 13.070  -3.485  0.461   1.00 42.19 ? 87  HOH A O   1 
HETATM 513 O O   . HOH B 2 .  ? -7.960  6.200   3.236   1.00 26.51 ? 88  HOH A O   1 
HETATM 514 O O   . HOH B 2 .  ? -0.501  -11.066 -2.940  1.00 28.23 ? 89  HOH A O   1 
HETATM 515 O O   . HOH B 2 .  ? 5.997   -11.796 -0.193  1.00 30.81 ? 90  HOH A O   1 
HETATM 516 O O   . HOH B 2 .  ? -0.404  -13.691 5.342   1.00 47.32 ? 91  HOH A O   1 
HETATM 517 O O   . HOH B 2 .  ? -8.324  12.171  -2.583  1.00 27.20 ? 92  HOH A O   1 
HETATM 518 O O   . HOH B 2 .  ? 1.518   0.833   12.294  1.00 27.46 ? 93  HOH A O   1 
HETATM 519 O O   . HOH B 2 .  ? 10.777  -1.850  9.697   1.00 51.08 ? 94  HOH A O   1 
HETATM 520 O O   . HOH B 2 .  ? 12.226  7.266   -1.601  1.00 45.78 ? 95  HOH A O   1 
HETATM 521 O O   . HOH B 2 .  ? 10.442  -4.323  -7.204  1.00 43.97 ? 96  HOH A O   1 
HETATM 522 O O   . HOH B 2 .  ? -10.028 -16.738 -4.264  1.00 55.37 ? 97  HOH A O   1 
HETATM 523 O O   . HOH B 2 .  ? 15.050  1.450   4.994   1.00 48.67 ? 98  HOH A O   1 
HETATM 524 O O   . HOH B 2 .  ? -16.661 0.033   -6.856  1.00 29.45 ? 99  HOH A O   1 
HETATM 525 O O   . HOH B 2 .  ? -1.596  -9.455  -11.655 1.00 31.87 ? 100 HOH A O   1 
HETATM 526 O O   . HOH B 2 .  ? 14.300  -0.793  3.378   1.00 49.47 ? 101 HOH A O   1 
HETATM 527 O O   . HOH B 2 .  ? -7.171  6.968   7.692   1.00 32.48 ? 102 HOH A O   1 
HETATM 528 O O   . HOH B 2 .  ? -3.233  -11.116 6.551   1.00 27.55 ? 103 HOH A O   1 
HETATM 529 O O   . HOH B 2 .  ? -4.609  -9.133  2.033   1.00 33.47 ? 104 HOH A O   1 
HETATM 530 O O   . HOH B 2 .  ? 4.256   -5.992  12.432  1.00 50.18 ? 105 HOH A O   1 
HETATM 531 O O   . HOH B 2 .  ? 9.309   -3.870  5.690   1.00 36.78 ? 106 HOH A O   1 
HETATM 532 O O   . HOH B 2 .  ? 1.706   8.359   9.819   1.00 31.07 ? 107 HOH A O   1 
HETATM 533 O O   . HOH B 2 .  ? 1.449   2.937   -8.921  1.00 31.89 ? 108 HOH A O   1 
HETATM 534 O O   . HOH B 2 .  ? 6.079   -6.202  -7.081  1.00 31.79 ? 109 HOH A O   1 
HETATM 535 O O   . HOH B 2 .  ? 3.917   10.204  -0.884  1.00 32.42 ? 110 HOH A O   1 
HETATM 536 O O   . HOH B 2 .  ? 1.336   -11.553 5.571   1.00 32.84 ? 111 HOH A O   1 
HETATM 537 O O   . HOH B 2 .  ? 6.982   13.297  1.839   1.00 30.31 ? 112 HOH A O   1 
HETATM 538 O O   . HOH B 2 .  ? -4.298  0.957   3.544   1.00 36.41 ? 113 HOH A O   1 
HETATM 539 O O   . HOH B 2 .  ? 7.150   10.963  -1.488  1.00 37.43 ? 114 HOH A O   1 
HETATM 540 O O   . HOH B 2 .  ? 10.663  10.029  0.934   1.00 44.05 ? 115 HOH A O   1 
HETATM 541 O O   . HOH B 2 .  ? -8.875  -13.732 -0.236  1.00 39.54 ? 116 HOH A O   1 
HETATM 542 O O   . HOH B 2 .  ? -12.117 -16.827 -3.226  1.00 54.92 ? 117 HOH A O   1 
HETATM 543 O O   . HOH B 2 .  ? 4.466   -7.556  -10.844 1.00 44.04 ? 118 HOH A O   1 
HETATM 544 O O   . HOH B 2 .  ? 10.679  -2.048  -5.422  1.00 36.21 ? 119 HOH A O   1 
HETATM 545 O O   . HOH B 2 .  ? -6.127  -10.705 -8.274  1.00 36.91 ? 120 HOH A O   1 
HETATM 546 O O   . HOH B 2 .  ? 1.720   -7.790  10.841  1.00 43.10 ? 121 HOH A O   1 
HETATM 547 O O   . HOH B 2 .  ? -3.346  13.426  1.725   1.00 33.47 ? 122 HOH A O   1 
HETATM 548 O O   . HOH B 2 .  ? 5.179   -6.535  9.016   1.00 37.68 ? 123 HOH A O   1 
HETATM 549 O O   . HOH B 2 .  ? 10.990  -1.961  6.305   1.00 38.07 ? 124 HOH A O   1 
HETATM 550 O O   . HOH B 2 .  ? 0.511   -10.058 -10.118 1.00 37.50 ? 125 HOH A O   1 
HETATM 551 O O   . HOH B 2 .  ? -15.629 3.392   -3.417  1.00 36.38 ? 126 HOH A O   1 
HETATM 552 O O   . HOH B 2 .  ? 3.788   6.624   12.613  1.00 40.00 ? 127 HOH A O   1 
HETATM 553 O O   . HOH B 2 .  ? -19.249 -0.822  -6.408  1.00 43.80 ? 128 HOH A O   1 
HETATM 554 O O   . HOH B 2 .  ? -1.643  6.739   11.147  1.00 33.86 ? 129 HOH A O   1 
HETATM 555 O O   . HOH B 2 .  ? -0.772  -13.422 -4.926  1.00 37.69 ? 130 HOH A O   1 
HETATM 556 O O   . HOH B 2 .  ? 1.848   11.112  9.391   1.00 41.15 ? 131 HOH A O   1 
HETATM 557 O O   . HOH B 2 .  ? -13.252 3.955   -1.134  1.00 32.91 ? 132 HOH A O   1 
HETATM 558 O O   . HOH B 2 .  ? -13.870 -8.496  -5.675  1.00 35.82 ? 133 HOH A O   1 
HETATM 559 O O   . HOH B 2 .  ? 12.449  -4.870  2.609   1.00 40.64 ? 134 HOH A O   1 
HETATM 560 O O   . HOH B 2 .  ? -6.263  -14.390 0.514   1.00 41.63 ? 135 HOH A O   1 
HETATM 561 O O   . HOH B 2 .  ? 3.535   -4.185  -13.436 1.00 42.19 ? 136 HOH A O   1 
HETATM 562 O O   . HOH B 2 .  ? 3.161   -7.984  8.289   1.00 39.43 ? 137 HOH A O   1 
HETATM 563 O O   . HOH B 2 .  ? 10.807  0.750   6.470   1.00 40.05 ? 138 HOH A O   1 
HETATM 564 O O   . HOH B 2 .  ? -0.819  5.156   13.091  1.00 35.44 ? 139 HOH A O   1 
HETATM 565 O O   . HOH B 2 .  ? 7.840   -11.840 -3.583  1.00 43.14 ? 140 HOH A O   1 
HETATM 566 O O   . HOH B 2 .  ? 9.189   -0.392  -7.139  1.00 42.51 ? 141 HOH A O   1 
HETATM 567 O O   . HOH B 2 .  ? -9.276  12.332  -0.002  1.00 36.15 ? 142 HOH A O   1 
HETATM 568 O O   . HOH B 2 .  ? -11.000 -6.822  -10.609 1.00 39.60 ? 143 HOH A O   1 
HETATM 569 O O   . HOH B 2 .  ? -3.163  15.310  6.110   1.00 43.55 ? 144 HOH A O   1 
HETATM 570 O O   . HOH B 2 .  ? -13.881 -11.073 -5.290  1.00 44.72 ? 145 HOH A O   1 
HETATM 571 O O   . HOH B 2 .  ? -1.270  16.450  6.943   1.00 44.27 ? 146 HOH A O   1 
HETATM 572 O O   . HOH B 2 .  ? -4.835  13.439  5.095   1.00 39.68 ? 147 HOH A O   1 
HETATM 573 O O   . HOH B 2 .  ? 5.976   -13.078 -2.923  1.00 45.52 ? 148 HOH A O   1 
HETATM 574 O O   . HOH B 2 .  ? -11.513 -8.524  -8.714  1.00 42.26 ? 149 HOH A O   1 
HETATM 575 O O   . HOH B 2 .  ? 13.087  -2.741  4.451   1.00 46.94 ? 150 HOH A O   1 
HETATM 576 O O   . HOH B 2 .  ? -4.877  -12.863 1.818   1.00 42.29 ? 151 HOH A O   1 
HETATM 577 O O   . HOH B 2 .  ? 10.617  -11.043 -3.121  1.00 50.04 ? 152 HOH A O   1 
HETATM 578 O O   . HOH B 2 .  ? 0.081   -14.868 2.100   1.00 42.13 ? 153 HOH A O   1 
HETATM 579 O O   . HOH B 2 .  ? 8.267   -8.886  6.978   1.00 46.71 ? 154 HOH A O   1 
HETATM 580 O O   . HOH B 2 .  ? -6.040  13.476  2.197   1.00 37.27 ? 155 HOH A O   1 
HETATM 581 O O   . HOH B 2 .  ? 15.150  5.191   2.308   1.00 46.16 ? 156 HOH A O   1 
HETATM 582 O O   . HOH B 2 .  ? 2.243   11.500  -2.371  1.00 41.99 ? 157 HOH A O   1 
HETATM 583 O O   . HOH B 2 .  ? 13.173  1.517   7.772   1.00 50.27 ? 158 HOH A O   1 
HETATM 584 O O   . HOH B 2 .  ? -6.538  -16.237 2.380   1.00 45.83 ? 159 HOH A O   1 
HETATM 585 O O   . HOH B 2 .  ? -6.984  14.393  -2.625  1.00 45.74 ? 160 HOH A O   1 
HETATM 586 O O   . HOH B 2 .  ? 16.394  4.186   4.312   1.00 41.86 ? 161 HOH A O   1 
# 
